data_8CVO
#
_entry.id   8CVO
#
_cell.length_a   1.00
_cell.length_b   1.00
_cell.length_c   1.00
_cell.angle_alpha   90.00
_cell.angle_beta   90.00
_cell.angle_gamma   90.00
#
_symmetry.space_group_name_H-M   'P 1'
#
loop_
_entity.id
_entity.type
_entity.pdbx_description
1 polymer '16S ribosomal RNA'
2 polymer '30S ribosomal protein S5'
3 polymer '30S ribosomal protein S3'
4 polymer '30S ribosomal protein S7'
5 polymer '30S ribosomal protein S9'
6 polymer '30S ribosomal protein S10'
7 polymer '30S ribosomal protein S13'
8 polymer '30S ribosomal protein S14 type Z'
9 polymer '30S ribosomal protein S19'
10 non-polymer Sarecycline
11 non-polymer 'MAGNESIUM ION'
12 non-polymer 'ZINC ION'
#
loop_
_entity_poly.entity_id
_entity_poly.type
_entity_poly.pdbx_seq_one_letter_code
_entity_poly.pdbx_strand_id
1 'polyribonucleotide'
;UUUUUCAUUGGAGAGUUUGAUCCUGGCUCAGGACGAACGCUGGCGGCGUGCUUAACACAUGCAAGUCGAACGGAAAGGCC
CUGCUUUUGUGGGGUGCUCGAGUGGCGAACGGGUGAGUAACACGUGAGUAACCUGCCCUUGACUUUGGGAUAACUUCAGG
AAACUGGGGCUAAUACCGGAUAGGAGCUCCUGCUGCAUGGUGGGGGUUGGAAAGUUUCGGCGGUUGGGGAUGGACUCGCG
GCUUAUCAGCUUGUUGGUGGGGUAGUGGCUUACCAAGGCUUUGACGGGUAGCCGGCCUGAGAGGGUGACCGGCCACAUUG
GGACUGAGAUACGGCCCAGACUCCUACGGGAGGCAGCAGUGGGGAAUAUUGCACAAUGGGCGGAAGCCUGAUGCAGCAAC
GCCGCGUGCGGGAUGACGGCCUUCGGGUUGUAAACCGCUUUCGCCUGUGACGAAGCGUGAGUGACGGUAAUGGGUAAAGA
AGCACCGGCUAACUACG(PSU)GCCAGCAGCC(G7M)CGGUGAUACGUAGGGUGCGAGCGUUGUCCGGAUUUAUUGGGCG
UAAAGGGCUCGUAGGUGGUUGAUCGCGUCGGAAGUGUAAUCUUGGGGCUUAACCCUGAGCGUGCUUUCGAUACGGGUUGA
CUUGAGGAAGGUAGGGGAGAAUGGAAUUCCUGGUGGAGCGGUGGAAUGCGCAGAUAUCAGGAGGAACACCAGUGGCGAAG
GCGGUUCUCUGGGCCUUUCCUGACGCUGAGGAGCGAAAGCGUGGGGAGCGAACAGGCUUAGAUACCCUGGUAGUCCACGC
UGUAAACGGUGGGUACUAGGUGUGGGGUCCAUUCCACGGGUUCCGUGCCGUAGCUAACGCUUUAAGUACCCCGCCUGGGG
AGUACGGCCGCAAGGCUAAAACUCAAAGGAAUUGACGGGGCCCCGCACAAGCGGCGGAGCAUGCGGAUUAAUUCGAU
(2MG)(5MC)AACGCGUAGAACCUUACCUGGGUUUGACAUGGAUCGGGAGUGCUCAGAGAUGGGUGUGCCUCUUUUGGGG
UCGGUUCACAGGUGGUGCAUGGCUGUCGUCAGCUCGUGUCGUGAGAUGUUGGGUUAAGUCCCGCAACGAGCGCAACCCUU
GUUCACUGUUGCCAGCACGUUAUGGUGGGGACUCAGUGGAGACCGCCGGGGUCAACUCGGAGGAAGGUGGGGAUGACGUC
AAGUCAUCAUGCCCCUUAUGUCCAGGGCUUCACGCAUGCUACAAUGGCUGGUACAGAGAGUGGCGAGCCUGUGAGGGUGA
GCGAAUCUCGGAAAGCCGGUCUCAGUUCGGAUUGGGGUCUGCAACUCGACCUCAUGAAGUCGGAGUCGCUAGUAAUCGCA
GAUCAGCAACGCUGCGGUGAAUACGUUCCCGGGGCUUGUACACAC(5MC)G(4OC)C(5MC)GU(5MC)AAGUCAUGAAA
GUUGGUAACACCCGAAGCCGGUGGCCUAACCGUUGUGGGGGAGCCGUCGAAGGUGGGACUGGUGAUUAGGACUAAGUCG
(UR3)AACAAGGUAGCCGUACC(2MG)G(MA6)(MA6)GGUGCGGCUGGAUCACCUCCUUUCUAAGGAG
;
A
2 'polypeptide(L)'
;MSGTQRRGGGAGGERRGRDNRRGQNDRNRNQNEYLERVVAINRVAKVVQGGRRFSFTALVVVGDGEGSVGVGYGKAKEVP
AAIAKAVEEAKKHFFKVPLVGRTITHPVIGEKAAGVVMLRPASPGTGVIAGGSARAVLECAGVHDVLAKSLGSSNAINVV
HATVDALQQLEEPEEVARRRGKSVEDIAPAAMLRARKEADEAAAAARMEEKAGVN
;
E
3 'polypeptide(L)'
;MGQKINPHGFRLGVTTDHKTRWYAEKQYAELVGEDVKIREWLHKNLERAGLSSIEIERRSERVTIFLYAARPGIVIGRNG
AEAERVRGELEKLTGKQIQLNILEVKSPETDAQLVAQGIAEQLAARVAFRRAMRKAQQSAMNAGALGIRIKCSGRLGGAE
MSRSEGYREGRVPLHTLRADIDYGFFEARTTFGRIGVKVWIYKGDVTGTRAERAAQKAARQAAQGGRGGRGGNRRGRGDR
PDRRGGRRRAEAAKQSAETPAPQTENAGA
;
G
4 'polypeptide(L)'
;MPRKGPAPKRPVMVDPVYGSPLVSQLVSKILLDGKKTVAQNIVYTALEGCRAKNNTDPVQTLKRALDNIKPSLEVKSRRV
GGATYQVPVEVKPARQTTLAMRWLVNFSRERREKTMAERLMNEILDASNGLGASVKRREDTHKMAEANRAFAHYRW
;
I
5 'polypeptide(L)'
;MTDTPTENLENTEVTPFTEGDREIAYRTDSNPTVAAGDSKRPAMIAPGAATGRRKEAIARVRITPGSGQWKINGRTLEDY
FPNKVHQQIVTEPFATAGVEGAYDVIARIGGGGVTGQAGALRLGIARALNNVDPEASRPALKKAGMLTRDARVKERKKAG
LKKARKAPQYSKR
;
J
6 'polypeptide(L)'
;MAGQKIRIRLRAYDHEVIDSSARKIVDTVTRTGAKVAGPVPLPTEKNVFCVIRSPHKYKDSREHFEMRTHKRLIDILEPT
PKTVDSLMRLDLPAGVDIEIKLP
;
M
7 'polypeptide(L)'
;MARLIGVDLPRDKRLEVALTYIYGIGRTRATETLKATGISGDLRVHELTDDQLVALRDHIEANYHVEGDLRREVAADIRR
KIEIGTYQGRRHRSGLPVRGQRTRTNARTRKGKRKAVAKKKAK
;
N
8 'polypeptide(L)' MAKTALKVKAARKPKFGVRAYTRCQRCGRPHSVYRKFGLCRICLREMAHAGQLPGVTKSSW S
9 'polypeptide(L)'
;MPRSLKKGPFVDEHLAKKVTAQNEAGTHNVIKTWSRRSMVTPDMIGHTIGVHDGRKHVPVFVTESMVGHKLGEFAPTRTF
KGHVKDDKKARRR
;
U
#
# COMPACT_ATOMS: atom_id res chain seq x y z
N ASN B 32 -10.91 67.78 5.69
CA ASN B 32 -9.78 68.08 6.57
C ASN B 32 -8.95 69.26 6.05
N GLU B 33 -7.63 69.17 6.25
CA GLU B 33 -6.76 70.26 5.86
C GLU B 33 -6.74 70.46 4.35
N TYR B 34 -6.70 69.38 3.59
CA TYR B 34 -6.55 69.45 2.13
C TYR B 34 -7.77 68.81 1.48
N LEU B 35 -8.43 69.56 0.59
CA LEU B 35 -9.70 69.14 0.02
C LEU B 35 -9.45 68.38 -1.27
N GLU B 36 -10.09 67.22 -1.41
CA GLU B 36 -9.82 66.33 -2.53
C GLU B 36 -11.11 65.77 -3.11
N ARG B 37 -11.06 65.49 -4.40
CA ARG B 37 -12.13 64.80 -5.11
C ARG B 37 -11.58 63.60 -5.87
N VAL B 38 -12.35 62.51 -5.88
CA VAL B 38 -12.02 61.32 -6.64
C VAL B 38 -12.66 61.47 -8.01
N VAL B 39 -11.84 61.79 -9.01
CA VAL B 39 -12.36 62.10 -10.34
C VAL B 39 -12.97 60.87 -10.99
N ALA B 40 -12.23 59.76 -10.98
CA ALA B 40 -12.71 58.55 -11.65
C ALA B 40 -11.96 57.35 -11.13
N ILE B 41 -12.62 56.19 -11.18
CA ILE B 41 -12.02 54.91 -10.84
C ILE B 41 -12.32 53.95 -11.99
N ASN B 42 -11.35 53.09 -12.31
CA ASN B 42 -11.50 52.15 -13.41
C ASN B 42 -10.98 50.78 -12.98
N ARG B 43 -11.58 49.74 -13.55
CA ARG B 43 -11.24 48.35 -13.25
C ARG B 43 -10.45 47.80 -14.44
N VAL B 44 -9.13 47.86 -14.33
CA VAL B 44 -8.24 47.35 -15.37
C VAL B 44 -7.86 45.92 -15.04
N ALA B 45 -7.58 45.13 -16.07
CA ALA B 45 -7.31 43.71 -15.91
C ALA B 45 -6.08 43.31 -16.71
N LYS B 46 -5.41 42.26 -16.24
CA LYS B 46 -4.28 41.65 -16.93
C LYS B 46 -4.58 40.18 -17.13
N VAL B 47 -4.56 39.73 -18.37
CA VAL B 47 -4.90 38.35 -18.69
C VAL B 47 -3.68 37.46 -18.47
N VAL B 48 -3.89 36.35 -17.78
CA VAL B 48 -2.84 35.41 -17.44
C VAL B 48 -3.32 34.01 -17.85
N GLN B 49 -2.44 33.02 -17.70
CA GLN B 49 -2.79 31.65 -18.09
C GLN B 49 -4.02 31.16 -17.35
N GLY B 50 -4.11 31.43 -16.05
CA GLY B 50 -5.30 31.07 -15.30
C GLY B 50 -6.52 31.87 -15.72
N GLY B 51 -6.34 33.17 -15.91
CA GLY B 51 -7.46 34.04 -16.24
C GLY B 51 -7.06 35.51 -16.33
N ARG B 52 -7.84 36.37 -15.69
CA ARG B 52 -7.59 37.80 -15.70
C ARG B 52 -7.25 38.28 -14.30
N ARG B 53 -6.25 39.16 -14.20
CA ARG B 53 -5.82 39.76 -12.94
C ARG B 53 -6.33 41.19 -12.91
N PHE B 54 -7.49 41.39 -12.30
CA PHE B 54 -8.11 42.71 -12.25
C PHE B 54 -7.36 43.63 -11.30
N SER B 55 -7.47 44.93 -11.55
CA SER B 55 -6.83 45.94 -10.72
C SER B 55 -7.65 47.22 -10.82
N PHE B 56 -7.39 48.14 -9.89
CA PHE B 56 -8.13 49.39 -9.82
C PHE B 56 -7.19 50.59 -9.94
N THR B 57 -7.62 51.55 -10.75
CA THR B 57 -6.91 52.81 -10.97
C THR B 57 -7.74 53.94 -10.39
N ALA B 58 -7.07 54.91 -9.79
CA ALA B 58 -7.75 56.01 -9.12
C ALA B 58 -7.16 57.35 -9.55
N LEU B 59 -8.02 58.26 -9.98
CA LEU B 59 -7.67 59.66 -10.16
C LEU B 59 -8.13 60.45 -8.96
N VAL B 60 -7.21 61.16 -8.32
CA VAL B 60 -7.57 62.05 -7.22
C VAL B 60 -7.03 63.44 -7.54
N VAL B 61 -7.77 64.46 -7.12
CA VAL B 61 -7.30 65.84 -7.18
C VAL B 61 -7.31 66.37 -5.75
N VAL B 62 -6.16 66.81 -5.27
CA VAL B 62 -5.99 67.30 -3.91
C VAL B 62 -5.49 68.73 -3.99
N GLY B 63 -6.19 69.65 -3.33
CA GLY B 63 -5.81 71.04 -3.34
C GLY B 63 -6.01 71.67 -1.98
N ASP B 64 -5.49 72.89 -1.85
CA ASP B 64 -5.66 73.65 -0.62
C ASP B 64 -6.90 74.52 -0.63
N GLY B 65 -7.48 74.78 -1.80
CA GLY B 65 -8.56 75.72 -1.94
C GLY B 65 -8.13 77.17 -2.08
N GLU B 66 -6.82 77.44 -2.06
CA GLU B 66 -6.34 78.81 -2.17
C GLU B 66 -5.29 79.02 -3.27
N GLY B 67 -4.97 77.99 -4.05
CA GLY B 67 -4.06 78.19 -5.16
C GLY B 67 -3.10 77.05 -5.47
N SER B 68 -2.85 76.17 -4.49
CA SER B 68 -1.99 75.01 -4.71
C SER B 68 -2.86 73.79 -4.90
N VAL B 69 -2.55 73.00 -5.93
CA VAL B 69 -3.37 71.85 -6.30
C VAL B 69 -2.48 70.85 -7.02
N GLY B 70 -2.89 69.59 -6.99
CA GLY B 70 -2.19 68.53 -7.68
C GLY B 70 -3.11 67.38 -7.96
N VAL B 71 -2.68 66.52 -8.89
CA VAL B 71 -3.44 65.35 -9.30
C VAL B 71 -2.58 64.11 -9.13
N GLY B 72 -3.21 63.04 -8.66
CA GLY B 72 -2.49 61.79 -8.42
C GLY B 72 -3.19 60.61 -9.07
N TYR B 73 -2.37 59.75 -9.69
CA TYR B 73 -2.82 58.49 -10.27
C TYR B 73 -2.39 57.35 -9.36
N GLY B 74 -3.31 56.44 -9.07
CA GLY B 74 -3.02 55.36 -8.15
C GLY B 74 -3.38 53.99 -8.70
N LYS B 75 -2.46 53.05 -8.55
CA LYS B 75 -2.64 51.67 -8.98
C LYS B 75 -2.70 50.78 -7.75
N ALA B 76 -3.70 49.91 -7.69
CA ALA B 76 -3.72 48.93 -6.60
C ALA B 76 -4.61 47.76 -7.00
N LYS B 77 -4.67 46.77 -6.11
CA LYS B 77 -5.67 45.72 -6.21
C LYS B 77 -6.99 46.11 -5.56
N GLU B 78 -7.02 47.21 -4.82
CA GLU B 78 -8.19 47.62 -4.07
C GLU B 78 -8.40 49.12 -4.21
N VAL B 79 -9.68 49.52 -4.19
CA VAL B 79 -10.02 50.93 -4.36
C VAL B 79 -9.40 51.81 -3.28
N PRO B 80 -9.53 51.50 -1.97
CA PRO B 80 -8.90 52.38 -0.97
C PRO B 80 -7.39 52.50 -1.13
N ALA B 81 -6.71 51.39 -1.42
CA ALA B 81 -5.27 51.45 -1.59
C ALA B 81 -4.89 52.29 -2.79
N ALA B 82 -5.61 52.14 -3.91
CA ALA B 82 -5.34 52.95 -5.09
C ALA B 82 -5.57 54.43 -4.79
N ILE B 83 -6.65 54.74 -4.09
CA ILE B 83 -6.96 56.13 -3.77
C ILE B 83 -5.88 56.73 -2.88
N ALA B 84 -5.45 55.98 -1.86
CA ALA B 84 -4.43 56.51 -0.96
C ALA B 84 -3.10 56.71 -1.68
N LYS B 85 -2.73 55.74 -2.53
CA LYS B 85 -1.50 55.89 -3.31
C LYS B 85 -1.58 57.10 -4.22
N ALA B 86 -2.73 57.30 -4.87
CA ALA B 86 -2.89 58.46 -5.73
C ALA B 86 -2.79 59.76 -4.95
N VAL B 87 -3.40 59.81 -3.77
CA VAL B 87 -3.39 61.02 -2.97
C VAL B 87 -1.96 61.35 -2.52
N GLU B 88 -1.24 60.35 -2.02
CA GLU B 88 0.12 60.59 -1.58
C GLU B 88 1.06 60.89 -2.75
N GLU B 89 0.73 60.41 -3.95
CA GLU B 89 1.51 60.79 -5.13
C GLU B 89 1.19 62.20 -5.59
N ALA B 90 -0.05 62.65 -5.37
CA ALA B 90 -0.44 64.01 -5.74
C ALA B 90 0.11 65.04 -4.78
N LYS B 91 0.30 64.68 -3.52
CA LYS B 91 0.83 65.64 -2.54
C LYS B 91 2.14 66.26 -3.02
N LYS B 92 2.99 65.47 -3.67
CA LYS B 92 4.28 65.94 -4.14
C LYS B 92 4.21 66.55 -5.54
N HIS B 93 3.03 66.96 -5.99
CA HIS B 93 2.86 67.59 -7.30
C HIS B 93 1.99 68.83 -7.19
N PHE B 94 2.20 69.61 -6.14
CA PHE B 94 1.40 70.81 -5.90
C PHE B 94 2.03 71.99 -6.61
N PHE B 95 1.26 72.63 -7.50
CA PHE B 95 1.72 73.81 -8.22
C PHE B 95 0.76 74.96 -7.95
N GLY C 2 -7.58 22.84 -1.62
CA GLY C 2 -7.78 21.84 -2.65
C GLY C 2 -6.68 20.82 -2.74
N GLN C 3 -5.45 21.26 -2.45
CA GLN C 3 -4.31 20.37 -2.48
C GLN C 3 -3.31 20.62 -1.36
N LYS C 4 -3.64 21.44 -0.36
CA LYS C 4 -2.73 21.78 0.71
C LYS C 4 -3.01 20.94 1.95
N ILE C 5 -1.95 20.47 2.58
CA ILE C 5 -2.08 19.66 3.78
C ILE C 5 -2.43 20.54 4.97
N ASN C 6 -3.06 19.94 5.98
CA ASN C 6 -3.29 20.62 7.24
C ASN C 6 -1.95 20.92 7.89
N PRO C 7 -1.65 22.17 8.22
CA PRO C 7 -0.36 22.47 8.85
C PRO C 7 -0.16 21.74 10.17
N HIS C 8 -1.22 21.63 10.99
CA HIS C 8 -1.08 20.97 12.27
C HIS C 8 -0.79 19.49 12.11
N GLY C 9 -1.49 18.82 11.21
CA GLY C 9 -1.20 17.42 10.94
C GLY C 9 0.18 17.23 10.33
N PHE C 10 0.59 18.15 9.46
CA PHE C 10 1.90 18.06 8.84
C PHE C 10 3.00 18.16 9.88
N ARG C 11 2.87 19.08 10.83
CA ARG C 11 3.88 19.28 11.86
C ARG C 11 3.63 18.42 13.10
N LEU C 12 2.61 17.57 13.09
CA LEU C 12 2.32 16.74 14.24
C LEU C 12 3.49 15.80 14.52
N GLY C 13 3.91 15.76 15.79
CA GLY C 13 5.02 14.93 16.18
C GLY C 13 6.36 15.58 15.95
N VAL C 14 6.44 16.48 14.97
CA VAL C 14 7.69 17.16 14.68
C VAL C 14 7.86 18.38 15.57
N THR C 15 6.93 19.32 15.49
CA THR C 15 6.96 20.51 16.32
C THR C 15 5.75 20.64 17.24
N THR C 16 4.55 20.38 16.73
CA THR C 16 3.35 20.44 17.55
C THR C 16 3.03 19.07 18.13
N ASP C 17 2.12 19.05 19.11
CA ASP C 17 1.82 17.86 19.89
C ASP C 17 0.35 17.52 19.82
N HIS C 18 0.04 16.28 20.20
CA HIS C 18 -1.34 15.80 20.17
C HIS C 18 -2.18 16.47 21.24
N LYS C 19 -3.46 16.67 20.93
CA LYS C 19 -4.38 17.27 21.88
C LYS C 19 -4.88 16.28 22.92
N THR C 20 -4.78 14.98 22.66
CA THR C 20 -5.18 13.96 23.62
C THR C 20 -3.97 13.17 24.07
N ARG C 21 -3.89 12.92 25.38
CA ARG C 21 -2.76 12.19 25.95
C ARG C 21 -3.30 11.10 26.87
N TRP C 22 -3.54 9.92 26.31
CA TRP C 22 -3.88 8.75 27.09
C TRP C 22 -3.45 7.52 26.31
N TYR C 23 -3.28 6.41 27.02
CA TYR C 23 -2.91 5.14 26.43
C TYR C 23 -3.92 4.09 26.83
N ALA C 24 -4.43 3.35 25.85
CA ALA C 24 -5.40 2.29 26.09
C ALA C 24 -5.47 1.41 24.85
N GLU C 25 -5.40 0.10 25.03
CA GLU C 25 -5.36 -0.82 23.86
C GLU C 25 -6.54 -1.80 23.87
N LYS C 26 -7.60 -1.52 24.61
CA LYS C 26 -8.80 -2.41 24.58
C LYS C 26 -10.02 -1.64 25.09
N GLN C 27 -10.43 -0.62 24.32
CA GLN C 27 -11.26 0.52 24.79
C GLN C 27 -10.85 1.75 23.97
N TYR C 28 -9.77 1.62 23.20
CA TYR C 28 -9.30 2.74 22.39
C TYR C 28 -10.45 3.39 21.64
N ALA C 29 -11.28 2.57 20.98
CA ALA C 29 -12.38 3.10 20.20
C ALA C 29 -13.41 3.81 21.08
N GLU C 30 -13.74 3.24 22.23
CA GLU C 30 -14.77 3.85 23.07
C GLU C 30 -14.26 5.14 23.72
N LEU C 31 -12.99 5.18 24.11
CA LEU C 31 -12.42 6.42 24.59
C LEU C 31 -12.40 7.48 23.49
N VAL C 32 -12.10 7.07 22.26
CA VAL C 32 -12.19 8.01 21.14
C VAL C 32 -13.61 8.53 20.99
N GLY C 33 -14.60 7.65 21.13
CA GLY C 33 -15.98 8.06 21.00
C GLY C 33 -16.40 9.05 22.06
N GLU C 34 -16.00 8.80 23.30
CA GLU C 34 -16.37 9.73 24.39
C GLU C 34 -15.64 11.04 24.16
N ASP C 35 -14.38 10.99 23.73
CA ASP C 35 -13.67 12.23 23.43
C ASP C 35 -14.40 13.03 22.36
N VAL C 36 -14.89 12.35 21.33
CA VAL C 36 -15.65 13.03 20.27
C VAL C 36 -16.91 13.65 20.86
N LYS C 37 -17.61 12.91 21.72
CA LYS C 37 -18.80 13.44 22.37
C LYS C 37 -18.47 14.67 23.20
N ILE C 38 -17.40 14.60 23.98
CA ILE C 38 -17.00 15.73 24.82
C ILE C 38 -16.71 16.95 23.97
N ARG C 39 -15.92 16.77 22.91
CA ARG C 39 -15.53 17.90 22.08
C ARG C 39 -16.74 18.49 21.36
N GLU C 40 -17.62 17.64 20.82
CA GLU C 40 -18.80 18.15 20.15
C GLU C 40 -19.69 18.91 21.11
N TRP C 41 -19.90 18.37 22.32
CA TRP C 41 -20.74 19.03 23.30
C TRP C 41 -20.16 20.39 23.68
N LEU C 42 -18.86 20.43 23.96
CA LEU C 42 -18.22 21.68 24.36
C LEU C 42 -18.27 22.71 23.25
N HIS C 43 -18.00 22.29 22.01
CA HIS C 43 -18.06 23.24 20.89
C HIS C 43 -19.47 23.74 20.66
N LYS C 44 -20.47 22.86 20.76
CA LYS C 44 -21.84 23.25 20.50
C LYS C 44 -22.42 24.12 21.60
N ASN C 45 -21.94 23.99 22.84
CA ASN C 45 -22.53 24.73 23.95
C ASN C 45 -21.65 25.85 24.48
N LEU C 46 -20.45 26.06 23.94
CA LEU C 46 -19.56 27.11 24.42
C LEU C 46 -18.99 27.91 23.25
N GLU C 47 -19.82 28.24 22.27
CA GLU C 47 -19.37 29.12 21.19
C GLU C 47 -19.03 30.50 21.73
N ARG C 48 -19.83 30.99 22.68
CA ARG C 48 -19.70 32.37 23.15
C ARG C 48 -18.33 32.61 23.77
N ALA C 49 -17.83 31.64 24.54
CA ALA C 49 -16.53 31.82 25.18
C ALA C 49 -15.42 31.91 24.14
N GLY C 50 -15.46 31.07 23.12
CA GLY C 50 -14.42 31.07 22.11
C GLY C 50 -13.38 30.04 22.46
N LEU C 51 -13.38 28.90 21.77
CA LEU C 51 -12.55 27.77 22.13
C LEU C 51 -11.33 27.73 21.23
N SER C 52 -10.15 27.90 21.83
CA SER C 52 -8.91 27.68 21.09
C SER C 52 -8.67 26.19 20.92
N SER C 53 -8.72 25.43 22.01
CA SER C 53 -8.47 24.00 21.95
C SER C 53 -9.08 23.33 23.17
N ILE C 54 -9.39 22.05 23.00
CA ILE C 54 -9.82 21.18 24.08
C ILE C 54 -8.79 20.06 24.18
N GLU C 55 -8.18 19.92 25.34
CA GLU C 55 -7.10 18.97 25.56
C GLU C 55 -7.55 17.95 26.59
N ILE C 56 -7.47 16.68 26.25
CA ILE C 56 -8.05 15.60 27.04
C ILE C 56 -6.94 14.70 27.56
N GLU C 57 -6.97 14.41 28.85
CA GLU C 57 -6.04 13.47 29.48
C GLU C 57 -6.84 12.44 30.25
N ARG C 58 -6.25 11.25 30.42
CA ARG C 58 -6.88 10.19 31.19
C ARG C 58 -5.83 9.44 31.97
N ARG C 59 -6.14 9.11 33.23
CA ARG C 59 -5.23 8.35 34.07
C ARG C 59 -5.79 6.98 34.41
N SER C 60 -6.95 6.92 35.03
CA SER C 60 -7.64 5.66 35.28
C SER C 60 -9.10 6.01 35.52
N GLU C 61 -9.96 5.75 34.54
CA GLU C 61 -11.39 6.08 34.56
C GLU C 61 -11.65 7.52 35.00
N ARG C 62 -10.62 8.37 34.94
CA ARG C 62 -10.73 9.77 35.30
C ARG C 62 -10.25 10.60 34.12
N VAL C 63 -11.09 11.52 33.66
CA VAL C 63 -10.80 12.35 32.50
C VAL C 63 -10.52 13.78 32.97
N THR C 64 -9.54 14.41 32.34
CA THR C 64 -9.14 15.77 32.64
C THR C 64 -9.23 16.60 31.37
N ILE C 65 -9.96 17.72 31.45
CA ILE C 65 -10.24 18.55 30.28
C ILE C 65 -9.64 19.93 30.50
N PHE C 66 -8.68 20.29 29.67
CA PHE C 66 -8.16 21.65 29.59
C PHE C 66 -8.91 22.38 28.48
N LEU C 67 -9.54 23.49 28.82
CA LEU C 67 -10.31 24.28 27.87
C LEU C 67 -9.57 25.61 27.67
N TYR C 68 -8.93 25.77 26.51
CA TYR C 68 -8.19 27.00 26.23
C TYR C 68 -9.16 27.98 25.59
N ALA C 69 -9.60 28.98 26.36
CA ALA C 69 -10.63 29.90 25.91
C ALA C 69 -10.15 31.34 26.04
N ALA C 70 -10.60 32.18 25.11
CA ALA C 70 -10.22 33.58 25.12
C ALA C 70 -10.83 34.31 26.32
N ARG C 71 -12.13 34.13 26.54
CA ARG C 71 -12.84 34.76 27.64
C ARG C 71 -13.52 33.68 28.47
N PRO C 72 -12.84 33.15 29.48
CA PRO C 72 -13.44 32.10 30.31
C PRO C 72 -14.51 32.62 31.25
N GLY C 73 -14.87 33.90 31.11
CA GLY C 73 -15.96 34.42 31.91
C GLY C 73 -17.27 33.69 31.67
N ILE C 74 -17.55 33.37 30.40
CA ILE C 74 -18.75 32.61 30.08
C ILE C 74 -18.69 31.22 30.68
N VAL C 75 -17.52 30.57 30.60
CA VAL C 75 -17.38 29.22 31.10
C VAL C 75 -17.55 29.18 32.62
N ILE C 76 -16.98 30.15 33.33
CA ILE C 76 -17.05 30.14 34.77
C ILE C 76 -18.37 30.70 35.30
N GLY C 77 -19.08 31.51 34.50
CA GLY C 77 -20.34 32.07 34.96
C GLY C 77 -20.13 32.98 36.16
N ARG C 78 -20.96 32.78 37.18
CA ARG C 78 -20.88 33.56 38.42
C ARG C 78 -20.40 32.64 39.54
N ASN C 79 -19.20 32.92 40.05
CA ASN C 79 -18.60 32.17 41.15
C ASN C 79 -18.51 30.68 40.82
N GLY C 80 -18.19 30.37 39.56
CA GLY C 80 -18.01 28.99 39.15
C GLY C 80 -19.29 28.21 38.94
N ALA C 81 -20.45 28.87 38.93
CA ALA C 81 -21.71 28.14 38.76
C ALA C 81 -21.78 27.48 37.37
N GLU C 82 -21.41 28.22 36.33
CA GLU C 82 -21.41 27.66 34.99
C GLU C 82 -20.36 26.57 34.85
N ALA C 83 -19.21 26.73 35.49
CA ALA C 83 -18.20 25.67 35.48
C ALA C 83 -18.73 24.41 36.13
N GLU C 84 -19.42 24.55 37.26
CA GLU C 84 -19.99 23.37 37.91
C GLU C 84 -21.06 22.72 37.05
N ARG C 85 -21.91 23.53 36.40
CA ARG C 85 -22.97 22.96 35.58
C ARG C 85 -22.40 22.24 34.35
N VAL C 86 -21.36 22.80 33.73
CA VAL C 86 -20.77 22.14 32.57
C VAL C 86 -20.05 20.87 33.01
N ARG C 87 -19.39 20.89 34.17
CA ARG C 87 -18.78 19.66 34.68
C ARG C 87 -19.84 18.61 34.92
N GLY C 88 -20.96 18.99 35.53
CA GLY C 88 -22.03 18.04 35.78
C GLY C 88 -22.61 17.46 34.51
N GLU C 89 -22.81 18.30 33.49
CA GLU C 89 -23.21 17.80 32.19
C GLU C 89 -22.16 16.85 31.62
N LEU C 90 -20.89 17.08 31.94
CA LEU C 90 -19.85 16.18 31.44
C LEU C 90 -19.93 14.81 32.11
N GLU C 91 -20.15 14.75 33.43
CA GLU C 91 -20.38 13.44 34.03
C GLU C 91 -21.63 12.80 33.45
N LYS C 92 -22.70 13.59 33.24
CA LYS C 92 -23.91 13.03 32.66
C LYS C 92 -23.64 12.42 31.30
N LEU C 93 -22.80 13.08 30.50
CA LEU C 93 -22.52 12.59 29.15
C LEU C 93 -21.60 11.38 29.14
N THR C 94 -20.55 11.39 29.95
CA THR C 94 -19.54 10.33 29.86
C THR C 94 -19.77 9.20 30.86
N GLY C 95 -19.98 9.54 32.13
CA GLY C 95 -20.04 8.56 33.18
C GLY C 95 -18.78 8.43 34.00
N LYS C 96 -17.82 9.32 33.81
CA LYS C 96 -16.52 9.26 34.47
C LYS C 96 -16.28 10.54 35.26
N GLN C 97 -15.25 10.50 36.09
CA GLN C 97 -14.88 11.65 36.92
C GLN C 97 -14.14 12.67 36.06
N ILE C 98 -14.77 13.81 35.81
CA ILE C 98 -14.17 14.87 35.01
C ILE C 98 -13.56 15.92 35.92
N GLN C 99 -12.29 16.24 35.67
CA GLN C 99 -11.61 17.37 36.29
C GLN C 99 -11.40 18.39 35.19
N LEU C 100 -12.13 19.49 35.26
CA LEU C 100 -12.15 20.50 34.21
C LEU C 100 -11.41 21.73 34.68
N ASN C 101 -10.44 22.18 33.88
CA ASN C 101 -9.76 23.45 34.14
C ASN C 101 -9.74 24.27 32.85
N ILE C 102 -9.91 25.58 33.01
CA ILE C 102 -10.05 26.49 31.90
C ILE C 102 -8.88 27.46 31.93
N LEU C 103 -8.22 27.63 30.79
CA LEU C 103 -7.01 28.44 30.70
C LEU C 103 -7.21 29.58 29.71
N GLU C 104 -6.49 30.66 29.94
CA GLU C 104 -6.49 31.81 29.06
C GLU C 104 -5.66 31.53 27.81
N VAL C 105 -5.85 32.37 26.81
CA VAL C 105 -4.87 32.53 25.73
C VAL C 105 -4.23 33.90 25.90
N LYS C 106 -2.89 33.91 25.97
CA LYS C 106 -2.19 35.15 26.27
C LYS C 106 -2.41 36.20 25.18
N SER C 107 -2.40 35.77 23.92
CA SER C 107 -2.58 36.67 22.78
C SER C 107 -3.68 36.10 21.90
N PRO C 108 -4.94 36.38 22.23
CA PRO C 108 -6.04 35.92 21.36
C PRO C 108 -5.96 36.48 19.96
N GLU C 109 -5.43 37.70 19.82
CA GLU C 109 -5.22 38.27 18.49
C GLU C 109 -4.10 37.59 17.73
N THR C 110 -3.31 36.73 18.39
CA THR C 110 -2.26 35.98 17.74
C THR C 110 -2.61 34.51 17.55
N ASP C 111 -3.51 33.97 18.36
CA ASP C 111 -3.95 32.59 18.17
C ASP C 111 -4.88 32.54 16.96
N ALA C 112 -4.56 31.65 16.01
CA ALA C 112 -5.27 31.63 14.75
C ALA C 112 -6.73 31.19 14.92
N GLN C 113 -6.98 30.22 15.79
CA GLN C 113 -8.33 29.69 15.94
C GLN C 113 -9.30 30.78 16.41
N LEU C 114 -8.89 31.57 17.40
CA LEU C 114 -9.74 32.68 17.83
C LEU C 114 -9.82 33.77 16.77
N VAL C 115 -8.78 33.93 15.96
CA VAL C 115 -8.85 34.90 14.87
C VAL C 115 -9.90 34.48 13.85
N ALA C 116 -9.93 33.19 13.50
CA ALA C 116 -10.98 32.69 12.63
C ALA C 116 -12.34 32.81 13.29
N GLN C 117 -12.40 32.56 14.60
CA GLN C 117 -13.64 32.77 15.35
C GLN C 117 -14.17 34.18 15.13
N GLY C 118 -13.30 35.18 15.35
CA GLY C 118 -13.73 36.56 15.24
C GLY C 118 -14.11 36.95 13.83
N ILE C 119 -13.33 36.51 12.85
CA ILE C 119 -13.62 36.86 11.45
C ILE C 119 -14.96 36.25 11.03
N ALA C 120 -15.20 34.99 11.40
CA ALA C 120 -16.48 34.37 11.06
C ALA C 120 -17.62 35.06 11.78
N GLU C 121 -17.41 35.47 13.03
CA GLU C 121 -18.47 36.18 13.75
C GLU C 121 -18.81 37.49 13.06
N GLN C 122 -17.79 38.23 12.61
CA GLN C 122 -18.04 39.47 11.89
C GLN C 122 -18.77 39.21 10.58
N LEU C 123 -18.36 38.17 9.85
CA LEU C 123 -19.03 37.85 8.60
C LEU C 123 -20.50 37.50 8.83
N ALA C 124 -20.77 36.73 9.89
CA ALA C 124 -22.16 36.42 10.24
C ALA C 124 -22.93 37.69 10.60
N ALA C 125 -22.29 38.59 11.35
CA ALA C 125 -22.88 39.89 11.66
C ALA C 125 -22.88 40.84 10.48
N ARG C 126 -22.47 40.36 9.30
CA ARG C 126 -22.56 41.11 8.05
C ARG C 126 -21.69 42.37 8.09
N VAL C 127 -20.41 42.14 8.35
CA VAL C 127 -19.39 43.17 8.21
C VAL C 127 -18.67 42.90 6.89
N ALA C 128 -18.21 43.97 6.25
CA ALA C 128 -17.50 43.83 4.99
C ALA C 128 -16.27 42.95 5.19
N PHE C 129 -16.15 41.93 4.34
CA PHE C 129 -15.12 40.92 4.57
C PHE C 129 -13.73 41.52 4.41
N ARG C 130 -13.54 42.44 3.46
CA ARG C 130 -12.24 43.06 3.30
C ARG C 130 -11.84 43.81 4.56
N ARG C 131 -12.77 44.59 5.14
CA ARG C 131 -12.47 45.32 6.36
C ARG C 131 -12.17 44.38 7.51
N ALA C 132 -12.93 43.28 7.62
CA ALA C 132 -12.68 42.32 8.70
C ALA C 132 -11.31 41.68 8.58
N MET C 133 -10.97 41.21 7.38
CA MET C 133 -9.66 40.60 7.16
C MET C 133 -8.54 41.59 7.43
N ARG C 134 -8.68 42.83 6.96
CA ARG C 134 -7.62 43.81 7.21
C ARG C 134 -7.48 44.10 8.70
N LYS C 135 -8.59 44.19 9.42
CA LYS C 135 -8.51 44.42 10.86
C LYS C 135 -7.80 43.28 11.56
N ALA C 136 -8.14 42.03 11.21
CA ALA C 136 -7.50 40.88 11.85
C ALA C 136 -6.00 40.85 11.53
N GLN C 137 -5.64 41.09 10.27
CA GLN C 137 -4.24 41.13 9.88
C GLN C 137 -3.48 42.20 10.64
N GLN C 138 -4.03 43.41 10.70
CA GLN C 138 -3.35 44.50 11.37
C GLN C 138 -3.19 44.20 12.86
N SER C 139 -4.22 43.62 13.47
CA SER C 139 -4.13 43.28 14.90
C SER C 139 -3.07 42.21 15.13
N ALA C 140 -2.99 41.22 14.25
CA ALA C 140 -1.99 40.17 14.41
C ALA C 140 -0.58 40.76 14.33
N MET C 141 -0.33 41.64 13.37
CA MET C 141 1.00 42.23 13.28
C MET C 141 1.27 43.25 14.36
N ASN C 142 0.25 43.91 14.90
CA ASN C 142 0.46 44.73 16.09
C ASN C 142 0.87 43.88 17.27
N ALA C 143 0.26 42.70 17.40
CA ALA C 143 0.67 41.77 18.45
C ALA C 143 2.12 41.33 18.24
N GLY C 144 2.50 41.04 17.01
CA GLY C 144 3.88 40.74 16.72
C GLY C 144 4.13 39.41 16.04
N ALA C 145 3.10 38.86 15.40
CA ALA C 145 3.29 37.68 14.58
C ALA C 145 4.18 38.01 13.38
N LEU C 146 4.98 37.04 12.97
CA LEU C 146 5.88 37.26 11.85
C LEU C 146 5.20 37.11 10.50
N GLY C 147 3.98 36.58 10.46
CA GLY C 147 3.29 36.43 9.21
C GLY C 147 1.83 36.03 9.38
N ILE C 148 0.95 36.71 8.66
CA ILE C 148 -0.48 36.41 8.70
C ILE C 148 -0.90 35.96 7.31
N ARG C 149 -1.89 35.06 7.27
CA ARG C 149 -2.56 34.74 6.02
C ARG C 149 -3.99 34.36 6.34
N ILE C 150 -4.94 35.08 5.75
CA ILE C 150 -6.36 34.81 5.96
C ILE C 150 -7.00 34.55 4.60
N LYS C 151 -7.89 33.58 4.55
CA LYS C 151 -8.62 33.29 3.32
C LYS C 151 -10.07 33.00 3.66
N CYS C 152 -10.98 33.78 3.09
CA CYS C 152 -12.41 33.57 3.23
C CYS C 152 -12.96 33.10 1.89
N SER C 153 -13.61 31.95 1.89
CA SER C 153 -14.18 31.36 0.69
C SER C 153 -15.67 31.16 0.88
N GLY C 154 -16.44 31.47 -0.14
CA GLY C 154 -17.86 31.25 -0.14
C GLY C 154 -18.58 32.36 -0.86
N ARG C 155 -19.87 32.51 -0.55
CA ARG C 155 -20.71 33.54 -1.16
C ARG C 155 -20.47 34.89 -0.49
N LEU C 156 -19.21 35.33 -0.53
CA LEU C 156 -18.81 36.54 0.17
C LEU C 156 -19.69 37.72 -0.23
N GLY C 157 -20.14 38.47 0.77
CA GLY C 157 -21.05 39.58 0.51
C GLY C 157 -22.41 39.16 0.06
N GLY C 158 -22.83 37.93 0.34
CA GLY C 158 -24.16 37.48 -0.05
C GLY C 158 -24.38 37.31 -1.53
N ALA C 159 -23.30 37.22 -2.32
CA ALA C 159 -23.42 37.14 -3.77
C ALA C 159 -23.88 35.74 -4.18
N GLU C 160 -23.95 35.52 -5.49
CA GLU C 160 -24.33 34.23 -6.04
C GLU C 160 -23.11 33.37 -6.35
N MET C 161 -22.17 33.94 -7.09
CA MET C 161 -20.94 33.16 -7.35
C MET C 161 -20.13 33.12 -6.05
N SER C 162 -19.29 32.11 -5.92
CA SER C 162 -18.41 31.96 -4.77
C SER C 162 -17.03 32.51 -5.07
N ARG C 163 -16.45 33.18 -4.09
CA ARG C 163 -15.11 33.75 -4.21
C ARG C 163 -14.20 33.15 -3.14
N SER C 164 -12.91 33.44 -3.26
CA SER C 164 -11.88 32.89 -2.40
C SER C 164 -10.91 33.97 -1.96
N GLU C 165 -11.45 35.07 -1.43
CA GLU C 165 -10.64 36.26 -1.21
C GLU C 165 -9.67 36.07 -0.05
N GLY C 166 -8.44 36.53 -0.24
CA GLY C 166 -7.39 36.31 0.75
C GLY C 166 -6.53 37.52 0.95
N TYR C 167 -5.92 37.58 2.14
CA TYR C 167 -4.96 38.61 2.51
C TYR C 167 -3.75 37.94 3.13
N ARG C 168 -2.58 38.55 2.94
CA ARG C 168 -1.38 38.03 3.57
C ARG C 168 -0.27 39.07 3.45
N GLU C 169 0.56 39.14 4.48
CA GLU C 169 1.84 39.81 4.40
C GLU C 169 2.70 39.29 5.56
N GLY C 170 3.97 39.67 5.54
CA GLY C 170 4.94 38.95 6.34
C GLY C 170 5.35 37.68 5.61
N ARG C 171 5.79 36.69 6.38
CA ARG C 171 6.20 35.42 5.81
C ARG C 171 5.46 34.27 6.49
N VAL C 172 4.92 33.37 5.68
CA VAL C 172 4.22 32.19 6.16
C VAL C 172 4.78 30.96 5.44
N PRO C 173 5.94 30.46 5.83
CA PRO C 173 6.52 29.32 5.13
C PRO C 173 5.83 28.00 5.44
N LEU C 174 4.75 27.70 4.72
CA LEU C 174 3.99 26.48 4.99
C LEU C 174 4.83 25.22 4.80
N HIS C 175 5.81 25.27 3.90
CA HIS C 175 6.58 24.08 3.58
C HIS C 175 7.66 23.75 4.61
N THR C 176 7.96 24.67 5.52
CA THR C 176 9.04 24.46 6.47
C THR C 176 8.48 23.80 7.72
N LEU C 177 9.07 22.65 8.09
CA LEU C 177 8.56 21.91 9.23
C LEU C 177 8.98 22.55 10.56
N ARG C 178 10.21 23.05 10.64
CA ARG C 178 10.63 23.73 11.86
C ARG C 178 9.89 25.04 12.08
N ALA C 179 9.19 25.53 11.07
CA ALA C 179 8.41 26.76 11.19
C ALA C 179 7.21 26.51 12.07
N ASP C 180 7.03 27.33 13.09
CA ASP C 180 5.89 27.20 13.99
C ASP C 180 4.73 27.97 13.39
N ILE C 181 3.78 27.25 12.81
CA ILE C 181 2.65 27.84 12.11
C ILE C 181 1.38 27.36 12.81
N ASP C 182 0.61 28.31 13.33
CA ASP C 182 -0.65 28.01 14.00
C ASP C 182 -1.77 28.17 12.98
N TYR C 183 -2.63 27.17 12.88
CA TYR C 183 -3.66 27.12 11.87
C TYR C 183 -5.03 27.08 12.53
N GLY C 184 -5.93 27.94 12.08
CA GLY C 184 -7.29 27.97 12.59
C GLY C 184 -8.28 28.01 11.45
N PHE C 185 -9.47 27.49 11.73
CA PHE C 185 -10.52 27.46 10.73
C PHE C 185 -11.86 27.62 11.40
N PHE C 186 -12.76 28.35 10.75
CA PHE C 186 -14.12 28.48 11.25
C PHE C 186 -15.07 28.67 10.08
N GLU C 187 -16.36 28.58 10.38
CA GLU C 187 -17.40 28.71 9.38
C GLU C 187 -18.40 29.77 9.86
N ALA C 188 -18.49 30.86 9.12
CA ALA C 188 -19.50 31.88 9.37
C ALA C 188 -20.84 31.41 8.84
N ARG C 189 -21.81 31.25 9.72
CA ARG C 189 -23.14 30.79 9.35
C ARG C 189 -23.98 32.00 8.98
N THR C 190 -24.17 32.24 7.68
CA THR C 190 -24.91 33.40 7.23
C THR C 190 -26.28 32.98 6.71
N THR C 191 -27.10 33.96 6.37
CA THR C 191 -28.36 33.67 5.70
C THR C 191 -28.14 33.07 4.32
N PHE C 192 -26.92 33.15 3.80
CA PHE C 192 -26.50 32.56 2.55
C PHE C 192 -25.43 31.50 2.83
N GLY C 193 -25.89 30.31 3.18
CA GLY C 193 -24.97 29.22 3.46
C GLY C 193 -23.97 29.57 4.54
N ARG C 194 -22.71 29.24 4.29
CA ARG C 194 -21.66 29.49 5.26
C ARG C 194 -20.36 29.77 4.54
N ILE C 195 -19.53 30.58 5.18
CA ILE C 195 -18.26 31.03 4.65
C ILE C 195 -17.14 30.33 5.41
N GLY C 196 -16.21 29.74 4.67
CA GLY C 196 -15.07 29.12 5.32
C GLY C 196 -13.92 30.10 5.48
N VAL C 197 -13.48 30.32 6.72
CA VAL C 197 -12.41 31.25 7.02
C VAL C 197 -11.24 30.45 7.56
N LYS C 198 -10.10 30.52 6.87
CA LYS C 198 -8.88 29.84 7.28
C LYS C 198 -7.82 30.88 7.61
N VAL C 199 -7.07 30.63 8.67
CA VAL C 199 -6.06 31.56 9.16
C VAL C 199 -4.78 30.80 9.45
N TRP C 200 -3.68 31.24 8.86
CA TRP C 200 -2.34 30.77 9.19
C TRP C 200 -1.60 31.91 9.86
N ILE C 201 -0.92 31.61 10.96
CA ILE C 201 -0.15 32.61 11.69
C ILE C 201 1.22 32.03 11.99
N TYR C 202 2.26 32.68 11.48
CA TYR C 202 3.64 32.24 11.67
C TYR C 202 4.15 32.81 12.98
N LYS C 203 4.09 32.01 14.05
CA LYS C 203 4.51 32.49 15.35
C LYS C 203 6.00 32.77 15.37
N GLY C 204 6.77 31.96 14.68
CA GLY C 204 8.21 32.04 14.73
C GLY C 204 8.82 30.70 14.36
N ASP C 205 10.11 30.58 14.63
CA ASP C 205 10.83 29.35 14.34
C ASP C 205 11.12 28.61 15.64
N VAL C 206 10.85 27.30 15.63
CA VAL C 206 11.07 26.47 16.84
C VAL C 206 12.14 25.44 16.51
N THR C 207 12.90 24.99 17.51
CA THR C 207 14.01 24.04 17.27
C THR C 207 13.49 22.60 17.38
N GLY C 208 13.91 21.88 18.43
CA GLY C 208 13.52 20.47 18.60
C GLY C 208 13.39 20.11 20.06
N THR C 209 13.62 18.84 20.42
CA THR C 209 13.41 18.40 21.82
C THR C 209 11.98 18.75 22.20
N ARG C 210 11.04 18.59 21.26
CA ARG C 210 9.63 18.99 21.53
C ARG C 210 9.59 20.52 21.56
N ALA C 211 10.02 21.17 20.47
CA ALA C 211 10.07 22.65 20.49
C ALA C 211 10.68 23.10 21.82
N GLU C 212 11.94 22.72 22.09
CA GLU C 212 12.59 23.04 23.37
C GLU C 212 11.73 22.44 24.50
N ARG C 213 11.19 21.24 24.28
CA ARG C 213 10.28 20.62 25.28
C ARG C 213 9.24 21.69 25.65
N ALA C 214 8.39 22.06 24.69
CA ALA C 214 7.41 23.14 24.94
C ALA C 214 8.16 24.38 25.41
N ALA C 215 9.14 24.84 24.64
CA ALA C 215 9.96 26.02 25.04
C ALA C 215 10.68 25.73 26.35
N PRO D 2 19.55 9.54 -22.85
CA PRO D 2 18.76 10.64 -22.29
C PRO D 2 19.32 12.01 -22.68
N ARG D 3 18.58 13.07 -22.37
CA ARG D 3 19.05 14.41 -22.65
C ARG D 3 20.33 14.74 -21.90
N LYS D 4 20.42 14.34 -20.63
CA LYS D 4 21.51 14.83 -19.79
C LYS D 4 22.87 14.36 -20.28
N GLY D 5 22.98 13.09 -20.69
CA GLY D 5 24.24 12.57 -21.17
C GLY D 5 24.32 11.07 -21.10
N PRO D 6 25.47 10.51 -21.47
CA PRO D 6 25.63 9.05 -21.48
C PRO D 6 25.59 8.49 -20.07
N ALA D 7 24.59 7.65 -19.81
CA ALA D 7 24.46 7.06 -18.49
C ALA D 7 25.60 6.08 -18.24
N PRO D 8 26.05 5.95 -17.00
CA PRO D 8 27.16 5.04 -16.70
C PRO D 8 26.78 3.59 -16.96
N LYS D 9 27.76 2.80 -17.35
CA LYS D 9 27.57 1.38 -17.63
C LYS D 9 28.01 0.55 -16.42
N ARG D 10 27.21 -0.45 -16.09
CA ARG D 10 27.58 -1.35 -15.01
C ARG D 10 28.71 -2.25 -15.46
N PRO D 11 29.75 -2.42 -14.66
CA PRO D 11 30.86 -3.29 -15.08
C PRO D 11 30.40 -4.73 -15.24
N VAL D 12 30.99 -5.41 -16.21
CA VAL D 12 30.65 -6.80 -16.49
C VAL D 12 31.59 -7.70 -15.68
N MET D 13 31.00 -8.64 -14.95
CA MET D 13 31.77 -9.59 -14.16
C MET D 13 32.22 -10.75 -15.02
N VAL D 14 33.16 -11.53 -14.49
CA VAL D 14 33.69 -12.67 -15.21
C VAL D 14 33.09 -13.96 -14.66
N ASP D 15 33.00 -14.97 -15.51
CA ASP D 15 32.46 -16.25 -15.08
C ASP D 15 33.48 -16.94 -14.17
N PRO D 16 33.07 -17.37 -12.98
CA PRO D 16 34.01 -18.06 -12.09
C PRO D 16 34.62 -19.30 -12.69
N VAL D 17 33.86 -20.04 -13.49
CA VAL D 17 34.34 -21.32 -14.01
C VAL D 17 35.32 -21.11 -15.15
N TYR D 18 34.88 -20.47 -16.21
CA TYR D 18 35.72 -20.31 -17.40
C TYR D 18 36.54 -19.03 -17.39
N GLY D 19 36.33 -18.14 -16.43
CA GLY D 19 37.15 -16.95 -16.33
C GLY D 19 37.09 -16.05 -17.54
N SER D 20 35.90 -15.84 -18.10
CA SER D 20 35.74 -14.97 -19.24
C SER D 20 34.48 -14.15 -19.07
N PRO D 21 34.54 -12.84 -19.30
CA PRO D 21 33.31 -12.03 -19.24
C PRO D 21 32.30 -12.42 -20.29
N LEU D 22 32.73 -13.11 -21.35
CA LEU D 22 31.81 -13.48 -22.41
C LEU D 22 30.74 -14.43 -21.89
N VAL D 23 31.13 -15.42 -21.09
CA VAL D 23 30.14 -16.38 -20.62
C VAL D 23 29.19 -15.71 -19.64
N SER D 24 29.69 -14.78 -18.83
CA SER D 24 28.81 -14.04 -17.94
C SER D 24 27.81 -13.21 -18.73
N GLN D 25 28.26 -12.58 -19.82
CA GLN D 25 27.33 -11.86 -20.67
C GLN D 25 26.31 -12.81 -21.29
N LEU D 26 26.75 -14.02 -21.67
CA LEU D 26 25.83 -15.00 -22.25
C LEU D 26 24.76 -15.41 -21.27
N VAL D 27 25.15 -15.69 -20.02
CA VAL D 27 24.16 -16.10 -19.03
C VAL D 27 23.23 -14.94 -18.68
N SER D 28 23.77 -13.72 -18.58
CA SER D 28 22.92 -12.57 -18.32
C SER D 28 21.99 -12.29 -19.49
N LYS D 29 22.36 -12.69 -20.70
CA LYS D 29 21.46 -12.56 -21.82
C LYS D 29 20.41 -13.66 -21.85
N ILE D 30 20.75 -14.86 -21.39
CA ILE D 30 19.74 -15.92 -21.33
C ILE D 30 18.76 -15.55 -20.24
N LEU D 31 19.20 -15.68 -18.98
CA LEU D 31 18.66 -15.01 -17.80
C LEU D 31 17.18 -14.65 -17.92
N LEU D 32 16.34 -15.62 -18.22
CA LEU D 32 14.92 -15.37 -18.29
C LEU D 32 14.32 -15.48 -16.90
N ASP D 33 13.37 -14.60 -16.61
CA ASP D 33 12.57 -14.62 -15.39
C ASP D 33 13.37 -14.31 -14.13
N GLY D 34 14.61 -13.84 -14.27
CA GLY D 34 15.44 -13.58 -13.12
C GLY D 34 16.08 -14.80 -12.49
N LYS D 35 16.12 -15.93 -13.19
CA LYS D 35 16.67 -17.16 -12.64
C LYS D 35 18.10 -17.34 -13.14
N LYS D 36 19.02 -16.70 -12.41
CA LYS D 36 20.43 -16.76 -12.77
C LYS D 36 20.96 -18.18 -12.74
N THR D 37 20.58 -18.95 -11.72
CA THR D 37 21.08 -20.31 -11.60
C THR D 37 20.60 -21.18 -12.75
N VAL D 38 19.33 -21.06 -13.11
CA VAL D 38 18.81 -21.82 -14.25
C VAL D 38 19.53 -21.42 -15.53
N ALA D 39 19.71 -20.11 -15.73
CA ALA D 39 20.34 -19.64 -16.95
C ALA D 39 21.77 -20.16 -17.08
N GLN D 40 22.53 -20.10 -16.00
CA GLN D 40 23.91 -20.55 -16.13
C GLN D 40 24.03 -22.06 -16.07
N ASN D 41 23.07 -22.78 -15.50
CA ASN D 41 23.06 -24.22 -15.69
C ASN D 41 22.91 -24.53 -17.17
N ILE D 42 22.00 -23.83 -17.84
CA ILE D 42 21.83 -24.00 -19.29
C ILE D 42 23.14 -23.69 -20.01
N VAL D 43 23.78 -22.57 -19.66
CA VAL D 43 24.97 -22.15 -20.36
C VAL D 43 26.13 -23.12 -20.14
N TYR D 44 26.33 -23.55 -18.89
CA TYR D 44 27.40 -24.50 -18.61
C TYR D 44 27.15 -25.83 -19.32
N THR D 45 25.90 -26.29 -19.33
CA THR D 45 25.59 -27.53 -20.05
C THR D 45 25.91 -27.38 -21.53
N ALA D 46 25.57 -26.24 -22.12
CA ALA D 46 25.87 -26.02 -23.54
C ALA D 46 27.38 -26.01 -23.78
N LEU D 47 28.14 -25.33 -22.93
CA LEU D 47 29.58 -25.26 -23.12
C LEU D 47 30.22 -26.63 -22.94
N GLU D 48 29.75 -27.42 -21.98
CA GLU D 48 30.28 -28.77 -21.81
C GLU D 48 29.94 -29.66 -22.99
N GLY D 49 28.72 -29.52 -23.53
CA GLY D 49 28.41 -30.23 -24.76
C GLY D 49 29.31 -29.82 -25.91
N CYS D 50 29.66 -28.52 -25.96
CA CYS D 50 30.58 -28.05 -26.98
C CYS D 50 31.94 -28.74 -26.85
N ARG D 51 32.52 -28.72 -25.64
CA ARG D 51 33.81 -29.38 -25.46
C ARG D 51 33.71 -30.89 -25.64
N ALA D 52 32.51 -31.46 -25.49
CA ALA D 52 32.34 -32.88 -25.76
C ALA D 52 32.41 -33.15 -27.26
N LYS D 53 31.69 -32.37 -28.06
CA LYS D 53 31.65 -32.65 -29.49
C LYS D 53 32.90 -32.20 -30.22
N ASN D 54 33.63 -31.20 -29.71
CA ASN D 54 34.94 -30.90 -30.26
C ASN D 54 35.93 -30.68 -29.13
N ASN D 55 37.18 -31.09 -29.38
CA ASN D 55 38.19 -31.08 -28.33
C ASN D 55 38.54 -29.65 -27.92
N THR D 56 38.35 -28.69 -28.81
CA THR D 56 38.74 -27.30 -28.54
C THR D 56 37.98 -26.74 -27.34
N ASP D 57 38.48 -25.63 -26.83
CA ASP D 57 37.94 -25.06 -25.61
C ASP D 57 36.56 -24.46 -25.86
N PRO D 58 35.58 -24.72 -24.99
CA PRO D 58 34.25 -24.13 -25.21
C PRO D 58 34.24 -22.62 -25.20
N VAL D 59 35.08 -21.98 -24.38
CA VAL D 59 35.10 -20.52 -24.41
C VAL D 59 35.65 -20.02 -25.74
N GLN D 60 36.63 -20.73 -26.29
CA GLN D 60 37.17 -20.35 -27.59
C GLN D 60 36.16 -20.56 -28.70
N THR D 61 35.38 -21.66 -28.63
CA THR D 61 34.37 -21.87 -29.67
C THR D 61 33.24 -20.85 -29.54
N LEU D 62 32.89 -20.45 -28.32
CA LEU D 62 31.92 -19.38 -28.13
C LEU D 62 32.44 -18.08 -28.72
N LYS D 63 33.72 -17.78 -28.48
CA LYS D 63 34.31 -16.58 -29.05
C LYS D 63 34.28 -16.61 -30.57
N ARG D 64 34.63 -17.75 -31.17
CA ARG D 64 34.61 -17.85 -32.62
C ARG D 64 33.20 -17.68 -33.16
N ALA D 65 32.20 -18.26 -32.49
CA ALA D 65 30.83 -18.04 -32.91
C ALA D 65 30.46 -16.56 -32.83
N LEU D 66 30.88 -15.89 -31.76
CA LEU D 66 30.53 -14.48 -31.61
C LEU D 66 31.18 -13.64 -32.71
N ASP D 67 32.44 -13.92 -33.06
CA ASP D 67 33.02 -13.20 -34.19
C ASP D 67 32.31 -13.52 -35.50
N ASN D 68 31.83 -14.75 -35.67
CA ASN D 68 31.11 -15.06 -36.91
C ASN D 68 29.73 -14.42 -36.96
N ILE D 69 29.15 -14.07 -35.81
CA ILE D 69 27.84 -13.42 -35.80
C ILE D 69 27.93 -11.90 -35.63
N LYS D 70 29.11 -11.37 -35.32
CA LYS D 70 29.26 -9.93 -35.09
C LYS D 70 28.96 -9.15 -36.37
N PRO D 71 28.01 -8.22 -36.36
CA PRO D 71 27.80 -7.36 -37.51
C PRO D 71 28.74 -6.17 -37.50
N SER D 72 29.14 -5.74 -38.69
CA SER D 72 30.03 -4.59 -38.81
C SER D 72 29.26 -3.29 -38.99
N LEU D 73 28.19 -3.32 -39.78
CA LEU D 73 27.37 -2.12 -39.97
C LEU D 73 25.92 -2.55 -40.16
N GLU D 74 25.01 -1.69 -39.71
CA GLU D 74 23.58 -1.98 -39.76
C GLU D 74 22.84 -0.69 -40.04
N VAL D 75 21.67 -0.81 -40.64
CA VAL D 75 20.92 0.35 -41.11
C VAL D 75 19.88 0.74 -40.07
N LYS D 76 19.62 2.03 -39.97
CA LYS D 76 18.61 2.57 -39.07
C LYS D 76 17.68 3.49 -39.86
N SER D 77 16.47 3.64 -39.35
CA SER D 77 15.47 4.46 -40.02
C SER D 77 15.83 5.94 -39.90
N ARG D 78 15.58 6.68 -40.97
CA ARG D 78 15.82 8.12 -41.02
C ARG D 78 14.61 8.81 -41.60
N ARG D 79 14.26 9.96 -41.03
CA ARG D 79 13.04 10.70 -41.33
C ARG D 79 13.34 11.91 -42.22
N VAL D 80 14.28 11.77 -43.16
CA VAL D 80 14.61 12.86 -44.07
C VAL D 80 13.56 12.90 -45.18
N GLY D 81 12.92 14.05 -45.33
CA GLY D 81 11.92 14.22 -46.36
C GLY D 81 10.63 13.48 -46.04
N GLY D 82 9.84 13.26 -47.08
CA GLY D 82 8.57 12.57 -46.98
C GLY D 82 8.64 11.07 -47.08
N ALA D 83 9.84 10.49 -47.13
CA ALA D 83 10.02 9.05 -47.19
C ALA D 83 11.12 8.65 -46.22
N THR D 84 11.01 7.44 -45.68
CA THR D 84 11.96 6.94 -44.71
C THR D 84 13.16 6.30 -45.41
N TYR D 85 14.35 6.56 -44.89
CA TYR D 85 15.59 6.01 -45.43
C TYR D 85 16.16 4.98 -44.47
N GLN D 86 16.98 4.09 -45.00
CA GLN D 86 17.67 3.08 -44.21
C GLN D 86 19.16 3.40 -44.27
N VAL D 87 19.60 4.27 -43.36
CA VAL D 87 20.98 4.76 -43.36
C VAL D 87 21.89 3.73 -42.72
N PRO D 88 22.92 3.26 -43.41
CA PRO D 88 23.87 2.33 -42.78
C PRO D 88 24.82 3.06 -41.84
N VAL D 89 25.01 2.47 -40.66
CA VAL D 89 25.85 3.03 -39.62
C VAL D 89 26.79 1.94 -39.14
N GLU D 90 28.06 2.31 -38.95
CA GLU D 90 29.04 1.39 -38.39
C GLU D 90 28.66 1.05 -36.96
N VAL D 91 29.03 -0.16 -36.52
CA VAL D 91 28.66 -0.67 -35.21
C VAL D 91 29.90 -0.75 -34.34
N LYS D 92 29.82 -0.16 -33.14
CA LYS D 92 30.93 -0.19 -32.21
C LYS D 92 31.12 -1.60 -31.67
N PRO D 93 32.32 -1.91 -31.15
CA PRO D 93 32.56 -3.29 -30.66
C PRO D 93 31.60 -3.75 -29.58
N ALA D 94 31.26 -2.88 -28.63
CA ALA D 94 30.33 -3.28 -27.58
C ALA D 94 28.94 -3.56 -28.16
N ARG D 95 28.47 -2.67 -29.03
CA ARG D 95 27.15 -2.86 -29.64
C ARG D 95 27.12 -4.12 -30.47
N GLN D 96 28.19 -4.42 -31.20
CA GLN D 96 28.18 -5.61 -32.04
C GLN D 96 28.29 -6.89 -31.22
N THR D 97 29.03 -6.88 -30.12
CA THR D 97 29.02 -8.02 -29.22
C THR D 97 27.63 -8.24 -28.65
N THR D 98 26.96 -7.15 -28.26
CA THR D 98 25.59 -7.26 -27.75
C THR D 98 24.67 -7.84 -28.81
N LEU D 99 24.77 -7.37 -30.04
CA LEU D 99 23.92 -7.87 -31.12
C LEU D 99 24.19 -9.34 -31.37
N ALA D 100 25.46 -9.74 -31.40
CA ALA D 100 25.80 -11.14 -31.62
C ALA D 100 25.20 -12.02 -30.53
N MET D 101 25.33 -11.59 -29.28
CA MET D 101 24.80 -12.39 -28.18
C MET D 101 23.28 -12.49 -28.24
N ARG D 102 22.61 -11.36 -28.53
CA ARG D 102 21.16 -11.37 -28.61
C ARG D 102 20.68 -12.28 -29.72
N TRP D 103 21.31 -12.21 -30.89
CA TRP D 103 20.91 -13.06 -32.00
C TRP D 103 21.17 -14.52 -31.67
N LEU D 104 22.34 -14.83 -31.09
CA LEU D 104 22.64 -16.19 -30.70
C LEU D 104 21.56 -16.75 -29.79
N VAL D 105 21.20 -16.00 -28.75
CA VAL D 105 20.22 -16.49 -27.78
C VAL D 105 18.85 -16.63 -28.42
N ASN D 106 18.43 -15.64 -29.22
CA ASN D 106 17.10 -15.70 -29.81
C ASN D 106 16.98 -16.86 -30.79
N PHE D 107 17.98 -17.07 -31.63
CA PHE D 107 17.88 -18.15 -32.60
C PHE D 107 18.06 -19.51 -31.94
N SER D 108 18.82 -19.57 -30.85
CA SER D 108 18.86 -20.80 -30.05
C SER D 108 17.48 -21.11 -29.49
N ARG D 109 16.78 -20.09 -29.00
CA ARG D 109 15.41 -20.28 -28.53
C ARG D 109 14.50 -20.71 -29.67
N GLU D 110 14.77 -20.25 -30.88
CA GLU D 110 13.93 -20.59 -32.02
C GLU D 110 14.27 -21.94 -32.64
N ARG D 111 15.39 -22.56 -32.26
CA ARG D 111 15.75 -23.84 -32.86
C ARG D 111 14.74 -24.93 -32.46
N ARG D 112 14.70 -25.97 -33.30
CA ARG D 112 13.65 -26.98 -33.23
C ARG D 112 13.91 -28.07 -32.20
N GLU D 113 15.15 -28.19 -31.71
CA GLU D 113 15.48 -29.28 -30.79
C GLU D 113 14.71 -29.10 -29.48
N LYS D 114 14.69 -30.16 -28.68
CA LYS D 114 13.87 -30.23 -27.48
C LYS D 114 14.29 -29.25 -26.39
N THR D 115 15.52 -29.37 -25.88
CA THR D 115 15.93 -28.66 -24.68
C THR D 115 16.78 -27.43 -25.02
N MET D 116 16.60 -26.37 -24.22
CA MET D 116 17.28 -25.11 -24.49
C MET D 116 18.80 -25.26 -24.39
N ALA D 117 19.28 -26.06 -23.44
CA ALA D 117 20.71 -26.16 -23.21
C ALA D 117 21.44 -26.56 -24.48
N GLU D 118 21.03 -27.65 -25.11
CA GLU D 118 21.81 -28.01 -26.28
C GLU D 118 21.15 -27.58 -27.59
N ARG D 119 19.99 -26.92 -27.55
CA ARG D 119 19.67 -26.01 -28.65
C ARG D 119 20.72 -24.91 -28.75
N LEU D 120 21.05 -24.28 -27.62
CA LEU D 120 22.08 -23.26 -27.62
C LEU D 120 23.43 -23.85 -27.98
N MET D 121 23.72 -25.05 -27.50
CA MET D 121 24.97 -25.72 -27.87
C MET D 121 25.04 -25.96 -29.38
N ASN D 122 23.97 -26.48 -29.98
CA ASN D 122 23.96 -26.70 -31.42
C ASN D 122 24.13 -25.40 -32.18
N GLU D 123 23.42 -24.35 -31.75
CA GLU D 123 23.54 -23.06 -32.41
C GLU D 123 24.95 -22.50 -32.31
N ILE D 124 25.58 -22.64 -31.14
CA ILE D 124 26.95 -22.14 -30.97
C ILE D 124 27.89 -22.88 -31.91
N LEU D 125 27.79 -24.21 -31.97
CA LEU D 125 28.68 -24.95 -32.85
C LEU D 125 28.45 -24.58 -34.30
N ASP D 126 27.19 -24.46 -34.71
CA ASP D 126 26.90 -24.11 -36.10
C ASP D 126 27.44 -22.73 -36.43
N ALA D 127 27.28 -21.77 -35.52
CA ALA D 127 27.79 -20.42 -35.76
C ALA D 127 29.31 -20.41 -35.85
N SER D 128 29.97 -21.14 -34.95
CA SER D 128 31.44 -21.21 -34.99
C SER D 128 31.91 -21.82 -36.30
N ASN D 129 31.19 -22.81 -36.82
CA ASN D 129 31.54 -23.36 -38.12
C ASN D 129 31.26 -22.37 -39.23
N GLY D 130 30.19 -21.58 -39.12
CA GLY D 130 29.85 -20.61 -40.12
C GLY D 130 28.46 -20.79 -40.69
N LEU D 131 27.65 -21.61 -40.03
CA LEU D 131 26.29 -21.91 -40.46
C LEU D 131 25.30 -21.52 -39.38
N GLY D 132 24.03 -21.48 -39.75
CA GLY D 132 22.96 -21.28 -38.80
C GLY D 132 22.19 -19.99 -39.04
N ALA D 133 21.09 -19.87 -38.28
CA ALA D 133 20.20 -18.72 -38.45
C ALA D 133 20.87 -17.42 -38.01
N SER D 134 21.71 -17.48 -36.98
CA SER D 134 22.40 -16.28 -36.53
C SER D 134 23.34 -15.75 -37.61
N VAL D 135 24.15 -16.63 -38.18
CA VAL D 135 25.06 -16.21 -39.24
C VAL D 135 24.27 -15.75 -40.46
N LYS D 136 23.16 -16.42 -40.75
CA LYS D 136 22.33 -16.00 -41.87
C LYS D 136 21.79 -14.59 -41.65
N ARG D 137 21.35 -14.29 -40.43
CA ARG D 137 20.85 -12.96 -40.14
C ARG D 137 21.95 -11.91 -40.22
N ARG D 138 23.15 -12.25 -39.75
CA ARG D 138 24.27 -11.32 -39.87
C ARG D 138 24.55 -11.03 -41.34
N GLU D 139 24.59 -12.06 -42.17
CA GLU D 139 24.83 -11.88 -43.59
C GLU D 139 23.71 -11.06 -44.23
N ASP D 140 22.46 -11.30 -43.83
CA ASP D 140 21.34 -10.55 -44.40
C ASP D 140 21.40 -9.07 -44.03
N THR D 141 21.72 -8.77 -42.75
CA THR D 141 21.84 -7.38 -42.35
C THR D 141 22.99 -6.69 -43.07
N HIS D 142 24.12 -7.38 -43.21
CA HIS D 142 25.23 -6.80 -43.96
C HIS D 142 24.86 -6.59 -45.42
N LYS D 143 24.12 -7.53 -46.00
CA LYS D 143 23.67 -7.41 -47.39
C LYS D 143 22.76 -6.20 -47.57
N MET D 144 21.83 -6.00 -46.63
CA MET D 144 20.92 -4.86 -46.73
C MET D 144 21.64 -3.55 -46.48
N ALA D 145 22.65 -3.54 -45.60
CA ALA D 145 23.48 -2.37 -45.44
C ALA D 145 24.24 -2.04 -46.72
N GLU D 146 24.78 -3.06 -47.38
CA GLU D 146 25.45 -2.84 -48.66
C GLU D 146 24.48 -2.32 -49.71
N ALA D 147 23.26 -2.84 -49.72
CA ALA D 147 22.26 -2.38 -50.67
C ALA D 147 21.93 -0.90 -50.44
N ASN D 148 21.80 -0.49 -49.18
CA ASN D 148 21.52 0.90 -48.85
C ASN D 148 22.79 1.69 -48.54
N ARG D 149 23.94 1.25 -49.04
CA ARG D 149 25.21 1.92 -48.78
C ARG D 149 25.28 3.34 -49.34
N ALA D 150 24.37 3.71 -50.24
CA ALA D 150 24.42 5.03 -50.86
C ALA D 150 24.18 6.16 -49.88
N PHE D 151 23.69 5.87 -48.67
CA PHE D 151 23.36 6.90 -47.69
C PHE D 151 24.37 6.97 -46.56
N ALA D 152 25.62 6.58 -46.83
CA ALA D 152 26.68 6.71 -45.83
C ALA D 152 27.05 8.16 -45.56
N HIS D 153 26.58 9.10 -46.38
CA HIS D 153 26.87 10.52 -46.19
C HIS D 153 25.89 11.21 -45.25
N TYR D 154 24.83 10.53 -44.82
CA TYR D 154 23.90 11.10 -43.86
C TYR D 154 24.36 10.93 -42.42
N ARG D 155 25.48 10.28 -42.17
CA ARG D 155 25.92 10.05 -40.81
C ARG D 155 26.25 11.36 -40.10
N TRP D 156 25.87 11.44 -38.84
CA TRP D 156 26.09 12.65 -38.04
C TRP D 156 26.81 12.31 -36.74
N LYS E 40 54.13 -5.14 -0.29
CA LYS E 40 55.11 -6.07 -0.80
C LYS E 40 55.21 -7.28 0.13
N ARG E 41 55.14 -7.01 1.44
CA ARG E 41 55.19 -8.08 2.42
C ARG E 41 53.97 -8.98 2.29
N PRO E 42 54.12 -10.30 2.50
CA PRO E 42 52.96 -11.19 2.40
C PRO E 42 52.00 -11.08 3.57
N ALA E 43 51.64 -9.85 3.92
CA ALA E 43 50.66 -9.54 4.96
C ALA E 43 51.01 -10.24 6.26
N MET E 44 49.99 -10.53 7.07
CA MET E 44 50.16 -11.24 8.34
C MET E 44 48.97 -12.15 8.52
N ILE E 45 49.18 -13.27 9.23
CA ILE E 45 48.15 -14.29 9.31
C ILE E 45 47.07 -13.85 10.30
N ALA E 46 47.43 -13.79 11.59
CA ALA E 46 46.74 -13.20 12.74
C ALA E 46 45.22 -13.40 12.82
N PRO E 47 44.69 -13.79 13.97
CA PRO E 47 43.24 -13.91 14.12
C PRO E 47 42.56 -12.54 14.07
N GLY E 48 41.26 -12.57 13.84
CA GLY E 48 40.47 -11.35 13.79
C GLY E 48 39.01 -11.68 13.60
N ALA E 49 38.19 -10.63 13.67
CA ALA E 49 36.74 -10.79 13.52
C ALA E 49 36.16 -9.49 12.98
N ALA E 50 34.97 -9.61 12.39
CA ALA E 50 34.27 -8.47 11.82
C ALA E 50 32.82 -8.85 11.57
N THR E 51 32.06 -7.91 11.04
CA THR E 51 30.67 -8.12 10.68
C THR E 51 30.44 -7.65 9.25
N GLY E 52 29.51 -8.32 8.58
CA GLY E 52 29.19 -7.98 7.20
C GLY E 52 27.70 -7.91 7.01
N ARG E 53 27.29 -7.00 6.14
CA ARG E 53 25.87 -6.79 5.86
C ARG E 53 25.70 -6.48 4.38
N ARG E 54 24.67 -7.07 3.78
CA ARG E 54 24.34 -6.80 2.38
C ARG E 54 22.92 -7.26 2.11
N LYS E 55 22.07 -6.34 1.68
CA LYS E 55 20.69 -6.64 1.30
C LYS E 55 19.97 -7.42 2.39
N GLU E 56 19.84 -6.79 3.56
CA GLU E 56 19.04 -7.32 4.66
C GLU E 56 19.56 -8.70 5.09
N ALA E 57 20.88 -8.80 5.22
CA ALA E 57 21.52 -10.03 5.65
C ALA E 57 22.74 -9.69 6.48
N ILE E 58 22.88 -10.34 7.62
CA ILE E 58 23.93 -10.03 8.60
C ILE E 58 24.91 -11.19 8.65
N ALA E 59 26.20 -10.87 8.67
CA ALA E 59 27.27 -11.86 8.60
C ALA E 59 28.29 -11.58 9.71
N ARG E 60 28.31 -12.44 10.72
CA ARG E 60 29.31 -12.39 11.78
C ARG E 60 30.47 -13.30 11.38
N VAL E 61 31.64 -12.72 11.15
CA VAL E 61 32.78 -13.43 10.58
C VAL E 61 33.90 -13.43 11.61
N ARG E 62 34.50 -14.60 11.83
CA ARG E 62 35.67 -14.73 12.68
C ARG E 62 36.72 -15.52 11.92
N ILE E 63 37.77 -14.84 11.50
CA ILE E 63 38.85 -15.45 10.72
C ILE E 63 40.00 -15.78 11.66
N THR E 64 40.57 -16.96 11.50
CA THR E 64 41.61 -17.46 12.39
C THR E 64 42.63 -18.23 11.57
N PRO E 65 43.89 -18.27 12.02
CA PRO E 65 44.87 -19.11 11.34
C PRO E 65 44.44 -20.57 11.32
N GLY E 66 44.69 -21.23 10.20
CA GLY E 66 44.29 -22.62 10.05
C GLY E 66 44.57 -23.14 8.67
N SER E 67 43.91 -24.24 8.33
CA SER E 67 44.12 -24.89 7.04
C SER E 67 43.38 -24.19 5.90
N GLY E 68 42.38 -23.37 6.20
CA GLY E 68 41.57 -22.74 5.18
C GLY E 68 40.20 -23.34 4.98
N GLN E 69 39.78 -24.26 5.85
CA GLN E 69 38.44 -24.84 5.73
C GLN E 69 37.40 -23.84 6.19
N TRP E 70 36.14 -24.14 5.88
CA TRP E 70 35.02 -23.24 6.14
C TRP E 70 33.96 -23.96 6.96
N LYS E 71 33.25 -23.18 7.78
CA LYS E 71 32.07 -23.70 8.47
C LYS E 71 31.11 -22.53 8.68
N ILE E 72 30.03 -22.52 7.91
CA ILE E 72 29.03 -21.46 7.95
C ILE E 72 27.78 -22.03 8.61
N ASN E 73 27.39 -21.47 9.76
CA ASN E 73 26.25 -21.96 10.52
C ASN E 73 26.37 -23.45 10.80
N GLY E 74 27.58 -23.89 11.13
CA GLY E 74 27.85 -25.29 11.38
C GLY E 74 28.20 -26.06 10.13
N ARG E 75 27.31 -26.02 9.13
CA ARG E 75 27.55 -26.74 7.89
C ARG E 75 28.71 -26.12 7.12
N THR E 76 29.35 -26.93 6.29
CA THR E 76 30.53 -26.50 5.55
C THR E 76 30.12 -25.55 4.42
N LEU E 77 31.14 -25.02 3.72
CA LEU E 77 30.87 -24.14 2.60
C LEU E 77 30.13 -24.87 1.50
N GLU E 78 30.62 -26.05 1.10
CA GLU E 78 29.97 -26.76 0.00
C GLU E 78 28.57 -27.21 0.34
N ASP E 79 28.17 -27.17 1.61
CA ASP E 79 26.80 -27.46 2.00
C ASP E 79 25.95 -26.20 2.05
N TYR E 80 26.45 -25.14 2.70
CA TYR E 80 25.62 -23.95 2.89
C TYR E 80 25.52 -23.14 1.62
N PHE E 81 26.59 -23.07 0.83
CA PHE E 81 26.58 -22.43 -0.48
C PHE E 81 26.74 -23.55 -1.50
N PRO E 82 25.69 -24.33 -1.75
CA PRO E 82 25.87 -25.65 -2.39
C PRO E 82 26.48 -25.58 -3.77
N ASN E 83 26.37 -24.46 -4.46
CA ASN E 83 26.79 -24.35 -5.84
C ASN E 83 27.81 -23.23 -6.03
N LYS E 84 28.66 -23.39 -7.06
CA LYS E 84 29.74 -22.46 -7.40
C LYS E 84 29.24 -21.19 -8.00
N VAL E 85 27.92 -21.01 -8.01
CA VAL E 85 27.34 -19.77 -8.53
C VAL E 85 27.93 -18.57 -7.81
N HIS E 86 28.01 -18.65 -6.49
CA HIS E 86 28.41 -17.54 -5.64
C HIS E 86 29.28 -18.01 -4.47
N GLN E 87 30.08 -19.05 -4.67
CA GLN E 87 31.20 -19.33 -3.79
C GLN E 87 32.39 -18.42 -4.09
N GLN E 88 32.52 -18.01 -5.35
CA GLN E 88 33.62 -17.15 -5.75
C GLN E 88 33.56 -15.81 -5.01
N ILE E 89 32.35 -15.28 -4.83
CA ILE E 89 32.19 -13.95 -4.25
C ILE E 89 32.64 -13.94 -2.80
N VAL E 90 32.66 -15.08 -2.12
CA VAL E 90 33.04 -15.14 -0.73
C VAL E 90 34.49 -15.61 -0.61
N THR E 91 34.95 -16.41 -1.57
CA THR E 91 36.33 -16.86 -1.52
C THR E 91 37.32 -15.78 -1.97
N GLU E 92 36.92 -14.95 -2.94
CA GLU E 92 37.85 -14.02 -3.58
C GLU E 92 38.45 -12.95 -2.67
N PRO E 93 37.88 -12.60 -1.51
CA PRO E 93 38.64 -11.72 -0.60
C PRO E 93 40.02 -12.26 -0.27
N PHE E 94 40.11 -13.56 0.00
CA PHE E 94 41.43 -14.16 0.21
C PHE E 94 42.28 -14.09 -1.05
N ALA E 95 41.68 -14.35 -2.21
CA ALA E 95 42.44 -14.35 -3.45
C ALA E 95 43.05 -12.99 -3.73
N THR E 96 42.29 -11.92 -3.49
CA THR E 96 42.81 -10.58 -3.67
C THR E 96 43.67 -10.12 -2.51
N ALA E 97 43.63 -10.82 -1.37
CA ALA E 97 44.57 -10.55 -0.31
C ALA E 97 45.82 -11.42 -0.46
N GLY E 98 46.84 -11.10 0.34
CA GLY E 98 48.05 -11.90 0.31
C GLY E 98 47.83 -13.32 0.79
N VAL E 99 47.08 -13.48 1.88
CA VAL E 99 46.75 -14.81 2.38
C VAL E 99 45.92 -15.55 1.33
N GLU E 100 45.88 -16.88 1.45
CA GLU E 100 45.17 -17.71 0.50
C GLU E 100 44.45 -18.79 1.31
N GLY E 101 43.98 -19.85 0.64
CA GLY E 101 43.16 -20.85 1.29
C GLY E 101 43.92 -21.71 2.26
N ALA E 102 44.68 -21.06 3.13
CA ALA E 102 45.34 -21.68 4.28
C ALA E 102 45.08 -20.83 5.51
N TYR E 103 43.81 -20.45 5.69
CA TYR E 103 43.44 -19.54 6.77
C TYR E 103 41.95 -19.72 7.04
N ASP E 104 41.63 -20.33 8.17
CA ASP E 104 40.26 -20.77 8.47
C ASP E 104 39.36 -19.59 8.78
N VAL E 105 38.04 -19.82 8.63
CA VAL E 105 37.03 -18.81 8.93
C VAL E 105 35.78 -19.50 9.46
N ILE E 106 35.12 -18.85 10.42
CA ILE E 106 33.86 -19.30 10.99
C ILE E 106 32.84 -18.19 10.77
N ALA E 107 31.69 -18.54 10.19
CA ALA E 107 30.68 -17.56 9.85
C ALA E 107 29.35 -17.92 10.49
N ARG E 108 28.68 -16.92 11.05
CA ARG E 108 27.31 -17.02 11.50
C ARG E 108 26.49 -16.06 10.65
N ILE E 109 25.49 -16.58 9.95
CA ILE E 109 24.82 -15.84 8.89
C ILE E 109 23.32 -15.82 9.20
N GLY E 110 22.71 -14.65 9.07
CA GLY E 110 21.28 -14.53 9.32
C GLY E 110 20.63 -13.60 8.31
N GLY E 111 19.35 -13.85 8.07
CA GLY E 111 18.55 -12.98 7.23
C GLY E 111 18.92 -12.99 5.76
N GLY E 112 18.03 -12.48 4.92
CA GLY E 112 18.30 -12.37 3.50
C GLY E 112 18.23 -13.70 2.80
N GLY E 113 18.47 -13.66 1.50
CA GLY E 113 18.56 -14.86 0.68
C GLY E 113 20.00 -15.31 0.49
N VAL E 114 20.18 -16.29 -0.39
CA VAL E 114 21.49 -16.90 -0.55
C VAL E 114 22.51 -15.89 -1.08
N THR E 115 22.13 -15.11 -2.10
CA THR E 115 23.07 -14.16 -2.67
C THR E 115 23.38 -13.03 -1.71
N GLY E 116 22.35 -12.52 -1.02
CA GLY E 116 22.58 -11.47 -0.04
C GLY E 116 23.48 -11.95 1.09
N GLN E 117 23.27 -13.18 1.54
CA GLN E 117 24.14 -13.76 2.56
C GLN E 117 25.56 -13.90 2.04
N ALA E 118 25.72 -14.27 0.77
CA ALA E 118 27.05 -14.35 0.18
C ALA E 118 27.73 -12.99 0.20
N GLY E 119 27.01 -11.95 -0.19
CA GLY E 119 27.60 -10.61 -0.21
C GLY E 119 27.95 -10.13 1.18
N ALA E 120 27.07 -10.38 2.14
CA ALA E 120 27.36 -9.99 3.52
C ALA E 120 28.59 -10.73 4.05
N LEU E 121 28.69 -12.02 3.76
CA LEU E 121 29.85 -12.79 4.21
C LEU E 121 31.13 -12.29 3.54
N ARG E 122 31.06 -11.94 2.26
CA ARG E 122 32.21 -11.39 1.57
C ARG E 122 32.66 -10.09 2.22
N LEU E 123 31.72 -9.19 2.50
CA LEU E 123 32.07 -7.93 3.14
C LEU E 123 32.63 -8.17 4.53
N GLY E 124 32.09 -9.14 5.26
CA GLY E 124 32.60 -9.44 6.58
C GLY E 124 34.04 -9.95 6.54
N ILE E 125 34.34 -10.86 5.61
CA ILE E 125 35.71 -11.33 5.47
C ILE E 125 36.64 -10.21 5.05
N ALA E 126 36.18 -9.35 4.13
CA ALA E 126 37.00 -8.23 3.71
C ALA E 126 37.30 -7.30 4.89
N ARG E 127 36.30 -7.01 5.72
CA ARG E 127 36.52 -6.15 6.87
C ARG E 127 37.42 -6.81 7.90
N ALA E 128 37.31 -8.13 8.07
CA ALA E 128 38.19 -8.84 8.98
C ALA E 128 39.63 -8.75 8.52
N LEU E 129 39.87 -9.00 7.23
CA LEU E 129 41.22 -8.87 6.70
C LEU E 129 41.72 -7.43 6.84
N ASN E 130 40.84 -6.46 6.59
CA ASN E 130 41.16 -5.06 6.78
C ASN E 130 41.67 -4.81 8.19
N ASN E 131 40.86 -5.09 9.20
CA ASN E 131 41.25 -4.73 10.56
C ASN E 131 42.32 -5.64 11.14
N VAL E 132 42.62 -6.77 10.48
CA VAL E 132 43.81 -7.52 10.86
C VAL E 132 45.07 -6.88 10.31
N ASP E 133 45.10 -6.58 9.02
CA ASP E 133 46.29 -6.00 8.38
C ASP E 133 45.84 -4.78 7.58
N PRO E 134 45.71 -3.63 8.24
CA PRO E 134 45.27 -2.41 7.55
C PRO E 134 46.35 -1.72 6.74
N GLU E 135 47.49 -2.35 6.48
CA GLU E 135 48.53 -1.71 5.68
C GLU E 135 48.94 -2.52 4.46
N ALA E 136 49.05 -3.84 4.57
CA ALA E 136 49.47 -4.65 3.43
C ALA E 136 48.31 -5.16 2.60
N SER E 137 47.12 -5.29 3.19
CA SER E 137 45.94 -5.72 2.46
C SER E 137 44.92 -4.61 2.25
N ARG E 138 45.00 -3.53 3.02
CA ARG E 138 44.06 -2.43 2.87
C ARG E 138 44.03 -1.84 1.46
N PRO E 139 45.17 -1.50 0.82
CA PRO E 139 45.09 -0.81 -0.47
C PRO E 139 44.40 -1.63 -1.54
N ALA E 140 44.90 -2.84 -1.79
CA ALA E 140 44.29 -3.69 -2.82
C ALA E 140 42.87 -4.08 -2.43
N LEU E 141 42.63 -4.35 -1.15
CA LEU E 141 41.33 -4.80 -0.72
C LEU E 141 40.27 -3.72 -0.92
N LYS E 142 40.63 -2.46 -0.67
CA LYS E 142 39.71 -1.36 -0.91
C LYS E 142 39.60 -1.02 -2.39
N LYS E 143 40.71 -1.10 -3.13
CA LYS E 143 40.68 -0.80 -4.55
C LYS E 143 39.76 -1.76 -5.29
N ALA E 144 39.75 -3.02 -4.89
CA ALA E 144 38.85 -3.99 -5.50
C ALA E 144 37.38 -3.72 -5.17
N GLY E 145 37.08 -2.62 -4.49
CA GLY E 145 35.70 -2.28 -4.16
C GLY E 145 35.06 -3.24 -3.19
N MET E 146 35.79 -3.66 -2.16
CA MET E 146 35.30 -4.69 -1.25
C MET E 146 35.15 -4.23 0.18
N LEU E 147 35.89 -3.20 0.60
CA LEU E 147 35.62 -2.54 1.86
C LEU E 147 34.55 -1.49 1.68
N THR E 148 33.44 -1.87 1.04
CA THR E 148 32.31 -0.97 0.83
C THR E 148 31.03 -1.80 0.88
N ARG E 149 30.03 -1.28 1.57
CA ARG E 149 28.74 -1.94 1.67
C ARG E 149 27.76 -1.22 0.77
N ASP E 150 27.26 -1.94 -0.23
CA ASP E 150 26.31 -1.34 -1.17
C ASP E 150 24.95 -1.21 -0.49
N ALA E 151 24.42 0.02 -0.49
CA ALA E 151 23.14 0.30 0.14
C ALA E 151 21.96 -0.10 -0.71
N ARG E 152 22.19 -0.82 -1.81
CA ARG E 152 21.11 -1.21 -2.70
C ARG E 152 20.17 -2.15 -1.98
N VAL E 153 18.97 -1.67 -1.65
CA VAL E 153 17.98 -2.42 -0.91
C VAL E 153 16.66 -2.31 -1.67
N LYS E 154 15.80 -3.31 -1.52
CA LYS E 154 14.51 -3.32 -2.20
C LYS E 154 13.74 -2.04 -1.92
N GLU E 155 13.47 -1.30 -2.99
CA GLU E 155 12.72 -0.06 -2.87
C GLU E 155 11.28 -0.35 -2.50
N ARG E 156 10.70 0.51 -1.66
CA ARG E 156 9.37 0.28 -1.13
C ARG E 156 8.31 0.48 -2.20
N LYS E 157 7.20 -0.23 -2.04
CA LYS E 157 6.04 -0.06 -2.91
C LYS E 157 5.39 1.29 -2.65
N LYS E 158 4.72 1.82 -3.67
CA LYS E 158 4.15 3.15 -3.61
C LYS E 158 2.69 3.10 -4.04
N ALA E 159 1.87 3.92 -3.39
CA ALA E 159 0.44 3.90 -3.65
C ALA E 159 0.15 4.31 -5.09
N GLY E 160 -0.82 3.63 -5.71
CA GLY E 160 -1.14 3.87 -7.10
C GLY E 160 -0.25 3.16 -8.08
N LEU E 161 0.75 2.41 -7.63
CA LEU E 161 1.67 1.69 -8.49
C LEU E 161 1.68 0.22 -8.12
N LYS E 162 1.85 -0.63 -9.13
CA LYS E 162 1.81 -2.07 -8.90
C LYS E 162 3.01 -2.53 -8.09
N LYS E 163 4.17 -1.90 -8.27
CA LYS E 163 5.39 -2.26 -7.56
C LYS E 163 6.10 -0.96 -7.21
N ALA E 164 7.38 -1.07 -6.85
CA ALA E 164 8.14 0.12 -6.45
C ALA E 164 8.09 1.20 -7.52
N ARG E 165 8.21 0.80 -8.80
CA ARG E 165 8.15 1.75 -9.90
C ARG E 165 7.22 1.33 -11.02
N LYS E 166 6.85 0.06 -11.13
CA LYS E 166 5.90 -0.38 -12.14
C LYS E 166 4.58 0.34 -11.96
N ALA E 167 4.01 0.81 -13.06
CA ALA E 167 2.76 1.56 -13.00
C ALA E 167 1.65 0.77 -13.67
N PRO E 168 0.41 0.98 -13.24
CA PRO E 168 -0.72 0.32 -13.92
C PRO E 168 -0.82 0.76 -15.37
N GLN E 169 -1.33 -0.14 -16.20
CA GLN E 169 -1.36 0.09 -17.64
C GLN E 169 -2.23 1.30 -17.98
N TYR E 170 -1.59 2.37 -18.43
CA TYR E 170 -2.31 3.57 -18.82
C TYR E 170 -3.19 3.26 -20.02
N SER E 171 -4.45 3.72 -19.97
CA SER E 171 -5.41 3.49 -21.03
C SER E 171 -6.12 4.80 -21.34
N LYS E 172 -5.61 5.54 -22.31
CA LYS E 172 -6.32 6.72 -22.80
C LYS E 172 -7.61 6.28 -23.48
N ARG E 173 -8.72 6.94 -23.11
CA ARG E 173 -10.07 6.61 -23.56
C ARG E 173 -10.37 5.11 -23.64
N LYS F 5 13.43 -10.11 39.10
CA LYS F 5 12.44 -9.87 40.15
C LYS F 5 11.74 -8.53 39.94
N ILE F 6 10.41 -8.54 40.08
CA ILE F 6 9.58 -7.35 39.96
C ILE F 6 9.75 -6.71 38.60
N ARG F 7 8.81 -6.98 37.70
CA ARG F 7 8.84 -6.44 36.35
C ARG F 7 8.05 -5.14 36.28
N ILE F 8 8.58 -4.17 35.56
CA ILE F 8 7.89 -2.92 35.26
C ILE F 8 7.90 -2.73 33.75
N ARG F 9 6.72 -2.78 33.14
CA ARG F 9 6.56 -2.54 31.72
C ARG F 9 5.99 -1.15 31.52
N LEU F 10 6.67 -0.35 30.69
CA LEU F 10 6.22 1.00 30.36
C LEU F 10 5.85 1.04 28.89
N ARG F 11 4.66 1.55 28.60
CA ARG F 11 4.19 1.67 27.22
C ARG F 11 3.62 3.06 27.02
N ALA F 12 4.01 3.70 25.92
CA ALA F 12 3.42 4.99 25.56
C ALA F 12 3.56 5.17 24.05
N TYR F 13 3.26 6.38 23.59
CA TYR F 13 3.38 6.72 22.18
C TYR F 13 4.52 7.68 21.90
N ASP F 14 5.12 8.28 22.92
CA ASP F 14 6.19 9.26 22.76
C ASP F 14 7.42 8.76 23.50
N HIS F 15 8.53 8.60 22.79
CA HIS F 15 9.71 8.05 23.43
C HIS F 15 10.33 9.03 24.41
N GLU F 16 10.08 10.33 24.25
CA GLU F 16 10.57 11.28 25.24
C GLU F 16 9.92 11.04 26.60
N VAL F 17 8.59 10.90 26.61
CA VAL F 17 7.92 10.66 27.88
C VAL F 17 8.21 9.26 28.39
N ILE F 18 8.39 8.28 27.50
CA ILE F 18 8.84 6.96 27.94
C ILE F 18 10.17 7.06 28.68
N ASP F 19 11.15 7.73 28.08
CA ASP F 19 12.46 7.84 28.69
C ASP F 19 12.41 8.61 30.00
N SER F 20 11.63 9.70 30.04
CA SER F 20 11.50 10.47 31.27
C SER F 20 10.88 9.64 32.38
N SER F 21 9.83 8.88 32.07
CA SER F 21 9.19 8.04 33.08
C SER F 21 10.13 6.94 33.55
N ALA F 22 10.88 6.32 32.64
CA ALA F 22 11.82 5.29 33.04
C ALA F 22 12.90 5.86 33.95
N ARG F 23 13.42 7.06 33.60
CA ARG F 23 14.41 7.70 34.44
C ARG F 23 13.85 8.01 35.81
N LYS F 24 12.61 8.49 35.87
CA LYS F 24 11.99 8.78 37.16
C LYS F 24 11.84 7.52 38.00
N ILE F 25 11.40 6.42 37.38
CA ILE F 25 11.26 5.17 38.12
C ILE F 25 12.60 4.71 38.66
N VAL F 26 13.62 4.70 37.81
CA VAL F 26 14.90 4.15 38.23
C VAL F 26 15.52 5.04 39.31
N ASP F 27 15.37 6.36 39.19
CA ASP F 27 15.95 7.24 40.20
C ASP F 27 15.19 7.17 41.51
N THR F 28 13.88 6.91 41.44
CA THR F 28 13.09 6.72 42.67
C THR F 28 13.56 5.45 43.38
N VAL F 29 13.50 4.31 42.69
CA VAL F 29 13.85 3.02 43.35
C VAL F 29 15.25 3.15 43.93
N THR F 30 16.15 3.81 43.21
CA THR F 30 17.55 3.91 43.69
C THR F 30 17.57 4.78 44.94
N ARG F 31 16.83 5.90 44.92
CA ARG F 31 16.73 6.75 46.13
C ARG F 31 16.24 5.90 47.29
N THR F 32 15.56 4.80 47.00
CA THR F 32 15.12 3.86 48.06
C THR F 32 16.02 2.62 48.01
N GLY F 33 17.31 2.82 47.74
CA GLY F 33 18.24 1.68 47.61
C GLY F 33 17.90 0.85 46.40
N ALA F 34 17.44 -0.38 46.60
CA ALA F 34 16.98 -1.25 45.48
C ALA F 34 17.77 -1.02 44.19
N LYS F 35 18.86 -1.77 43.97
CA LYS F 35 19.58 -1.65 42.67
C LYS F 35 18.68 -2.28 41.59
N VAL F 36 18.58 -1.65 40.42
CA VAL F 36 17.61 -2.17 39.42
C VAL F 36 18.21 -2.18 38.00
N ALA F 37 17.99 -3.27 37.26
CA ALA F 37 18.41 -3.40 35.88
C ALA F 37 18.02 -2.15 35.10
N GLY F 38 18.89 -1.77 34.15
CA GLY F 38 18.67 -0.60 33.35
C GLY F 38 17.46 -0.75 32.45
N PRO F 39 16.86 0.38 32.06
CA PRO F 39 15.69 0.32 31.18
C PRO F 39 16.07 -0.24 29.81
N VAL F 40 15.55 -1.42 29.49
CA VAL F 40 15.86 -2.07 28.22
C VAL F 40 14.73 -1.78 27.24
N PRO F 41 15.02 -1.36 26.01
CA PRO F 41 13.95 -1.02 25.08
C PRO F 41 13.44 -2.21 24.30
N LEU F 42 12.14 -2.48 24.36
CA LEU F 42 11.55 -3.52 23.54
C LEU F 42 11.27 -2.99 22.14
N PRO F 43 11.08 -3.87 21.16
CA PRO F 43 10.72 -3.40 19.82
C PRO F 43 9.42 -2.61 19.86
N THR F 44 9.36 -1.55 19.05
CA THR F 44 8.20 -0.68 19.05
C THR F 44 7.11 -1.24 18.15
N GLU F 45 5.91 -1.34 18.67
CA GLU F 45 4.77 -1.74 17.86
C GLU F 45 4.48 -0.68 16.80
N LYS F 46 4.24 -1.13 15.58
CA LYS F 46 4.18 -0.26 14.40
C LYS F 46 2.93 -0.60 13.60
N ASN F 47 1.81 0.07 13.90
CA ASN F 47 0.59 -0.16 13.15
C ASN F 47 0.48 0.88 12.05
N VAL F 48 0.04 0.45 10.87
CA VAL F 48 0.00 1.31 9.69
C VAL F 48 -1.42 1.33 9.15
N PHE F 49 -1.92 2.52 8.85
CA PHE F 49 -3.24 2.70 8.26
C PHE F 49 -3.12 3.50 6.98
N CYS F 50 -3.66 2.95 5.89
CA CYS F 50 -3.71 3.65 4.60
C CYS F 50 -5.14 4.08 4.34
N VAL F 51 -5.31 5.34 3.92
CA VAL F 51 -6.61 5.96 3.80
C VAL F 51 -6.70 6.69 2.48
N ILE F 52 -7.80 6.48 1.74
CA ILE F 52 -8.04 7.27 0.54
C ILE F 52 -8.14 8.74 0.94
N ARG F 53 -7.30 9.57 0.32
CA ARG F 53 -7.23 10.97 0.71
C ARG F 53 -8.54 11.70 0.45
N SER F 54 -9.12 11.48 -0.67
CA SER F 54 -10.34 12.16 -1.08
C SER F 54 -11.57 11.47 -0.50
N PRO F 55 -12.67 12.21 -0.33
CA PRO F 55 -13.93 11.57 0.08
C PRO F 55 -14.64 10.83 -1.03
N HIS F 56 -14.14 10.85 -2.27
CA HIS F 56 -14.87 10.25 -3.36
C HIS F 56 -13.95 10.04 -4.57
N LYS F 57 -14.03 8.85 -5.16
CA LYS F 57 -13.55 8.52 -6.52
C LYS F 57 -12.09 8.89 -6.79
N TYR F 58 -11.26 9.01 -5.76
CA TYR F 58 -9.84 9.31 -6.00
C TYR F 58 -9.02 8.34 -5.17
N LYS F 59 -8.74 7.17 -5.72
CA LYS F 59 -8.08 6.10 -4.98
C LYS F 59 -6.57 6.09 -5.14
N ASP F 60 -6.04 6.71 -6.19
CA ASP F 60 -4.61 6.64 -6.44
C ASP F 60 -3.79 7.56 -5.54
N SER F 61 -4.42 8.48 -4.83
CA SER F 61 -3.74 9.38 -3.91
C SER F 61 -4.23 9.06 -2.50
N ARG F 62 -3.31 8.61 -1.65
CA ARG F 62 -3.68 8.12 -0.33
C ARG F 62 -2.72 8.66 0.71
N GLU F 63 -3.15 8.58 1.97
CA GLU F 63 -2.39 9.06 3.10
C GLU F 63 -2.16 7.92 4.08
N HIS F 64 -0.94 7.84 4.60
CA HIS F 64 -0.53 6.76 5.49
C HIS F 64 -0.24 7.30 6.88
N PHE F 65 -0.67 6.56 7.90
CA PHE F 65 -0.52 6.98 9.29
C PHE F 65 0.09 5.85 10.12
N GLU F 66 0.80 6.17 11.18
CA GLU F 66 1.29 5.05 12.02
C GLU F 66 0.96 5.31 13.49
N MET F 67 0.74 4.25 14.26
CA MET F 67 0.56 4.40 15.71
C MET F 67 1.71 3.67 16.38
N ARG F 68 2.81 4.37 16.67
CA ARG F 68 3.99 3.68 17.22
C ARG F 68 3.90 3.56 18.75
N THR F 69 3.91 2.35 19.27
CA THR F 69 3.88 2.07 20.70
C THR F 69 5.31 1.76 21.14
N HIS F 70 5.85 2.60 22.00
CA HIS F 70 7.18 2.41 22.55
C HIS F 70 7.08 1.73 23.91
N LYS F 71 7.89 0.69 24.11
CA LYS F 71 7.86 -0.13 25.31
C LYS F 71 9.25 -0.22 25.92
N ARG F 72 9.32 -0.05 27.23
CA ARG F 72 10.55 -0.18 27.99
C ARG F 72 10.33 -1.15 29.15
N LEU F 73 11.40 -1.80 29.58
CA LEU F 73 11.32 -2.79 30.64
C LEU F 73 12.32 -2.46 31.75
N ILE F 74 11.85 -2.60 32.99
CA ILE F 74 12.63 -2.37 34.21
C ILE F 74 12.53 -3.61 35.09
N ASP F 75 13.65 -4.01 35.68
CA ASP F 75 13.68 -5.06 36.68
C ASP F 75 14.08 -4.47 38.02
N ILE F 76 13.32 -4.78 39.06
CA ILE F 76 13.62 -4.31 40.41
C ILE F 76 14.24 -5.49 41.14
N LEU F 77 15.57 -5.64 41.02
CA LEU F 77 16.24 -6.82 41.61
C LEU F 77 16.00 -6.86 43.12
N GLU F 78 16.07 -5.71 43.78
CA GLU F 78 15.94 -5.69 45.27
C GLU F 78 14.47 -5.62 45.66
N PRO F 79 13.98 -6.54 46.52
CA PRO F 79 12.54 -6.60 46.85
C PRO F 79 12.04 -5.27 47.42
N THR F 80 12.64 -4.83 48.53
CA THR F 80 12.47 -3.49 49.11
C THR F 80 11.01 -3.06 49.17
N PRO F 81 10.24 -3.54 50.15
CA PRO F 81 8.83 -3.15 50.25
C PRO F 81 8.63 -1.64 50.30
N LYS F 82 9.59 -0.88 50.83
CA LYS F 82 9.49 0.57 50.76
C LYS F 82 9.45 1.05 49.31
N THR F 83 10.30 0.48 48.46
CA THR F 83 10.20 0.78 47.03
C THR F 83 8.90 0.28 46.45
N VAL F 84 8.34 -0.81 46.99
CA VAL F 84 7.05 -1.28 46.51
C VAL F 84 5.98 -0.21 46.74
N ASP F 85 5.94 0.34 47.96
CA ASP F 85 4.99 1.41 48.24
C ASP F 85 5.27 2.64 47.37
N SER F 86 6.54 2.99 47.19
CA SER F 86 6.87 4.15 46.38
C SER F 86 6.40 3.97 44.94
N LEU F 87 6.66 2.80 44.36
CA LEU F 87 6.28 2.53 42.98
C LEU F 87 4.77 2.39 42.83
N MET F 88 4.04 2.06 43.89
CA MET F 88 2.59 2.05 43.73
C MET F 88 2.00 3.44 43.95
N ARG F 89 2.69 4.33 44.68
CA ARG F 89 2.06 5.62 44.97
C ARG F 89 2.54 6.77 44.09
N LEU F 90 3.63 6.63 43.35
CA LEU F 90 4.08 7.83 42.65
C LEU F 90 3.16 8.13 41.46
N ASP F 91 3.32 9.31 40.90
CA ASP F 91 2.49 9.79 39.80
C ASP F 91 3.29 9.80 38.51
N LEU F 92 2.65 9.38 37.42
CA LEU F 92 3.24 9.31 36.10
C LEU F 92 2.43 10.14 35.11
N PRO F 93 3.04 10.58 34.01
CA PRO F 93 2.29 11.33 33.00
C PRO F 93 1.17 10.49 32.41
N ALA F 94 0.12 11.17 31.96
CA ALA F 94 -1.08 10.49 31.49
C ALA F 94 -0.84 9.66 30.24
N GLY F 95 0.11 10.07 29.40
CA GLY F 95 0.31 9.38 28.13
C GLY F 95 0.93 8.00 28.26
N VAL F 96 1.65 7.75 29.35
CA VAL F 96 2.37 6.48 29.55
C VAL F 96 1.63 5.67 30.60
N ASP F 97 1.54 4.36 30.37
CA ASP F 97 0.97 3.47 31.38
C ASP F 97 2.08 2.68 32.07
N ILE F 98 1.70 2.02 33.15
CA ILE F 98 2.63 1.22 33.95
C ILE F 98 2.02 -0.15 34.17
N GLU F 99 2.86 -1.18 34.10
CA GLU F 99 2.44 -2.54 34.40
C GLU F 99 3.43 -3.15 35.38
N ILE F 100 2.98 -3.44 36.59
CA ILE F 100 3.83 -4.00 37.63
C ILE F 100 3.50 -5.47 37.79
N LYS F 101 4.48 -6.32 37.52
CA LYS F 101 4.36 -7.76 37.75
C LYS F 101 5.17 -8.11 38.99
N LEU F 102 4.47 -8.51 40.05
CA LEU F 102 5.11 -8.79 41.33
C LEU F 102 5.87 -10.11 41.28
N ALA G 2 -9.48 -51.55 -28.58
CA ALA G 2 -10.35 -52.23 -27.64
C ALA G 2 -9.54 -52.96 -26.58
N ARG G 3 -8.63 -52.24 -25.93
CA ARG G 3 -7.80 -52.85 -24.90
C ARG G 3 -8.57 -52.99 -23.59
N LEU G 4 -9.00 -51.87 -23.01
CA LEU G 4 -9.80 -51.87 -21.80
C LEU G 4 -11.29 -51.84 -22.18
N ILE G 5 -12.14 -51.53 -21.20
CA ILE G 5 -13.59 -51.71 -21.27
C ILE G 5 -14.17 -51.29 -22.61
N GLY G 6 -13.90 -50.06 -23.02
CA GLY G 6 -14.40 -49.59 -24.30
C GLY G 6 -13.42 -48.68 -25.01
N VAL G 7 -12.21 -48.59 -24.47
CA VAL G 7 -11.19 -47.68 -24.99
C VAL G 7 -9.91 -48.46 -25.19
N ASP G 8 -9.11 -48.06 -26.17
CA ASP G 8 -7.83 -48.67 -26.46
C ASP G 8 -6.73 -47.86 -25.81
N LEU G 9 -5.96 -48.50 -24.94
CA LEU G 9 -4.85 -47.83 -24.30
C LEU G 9 -3.78 -47.49 -25.34
N PRO G 10 -3.28 -46.26 -25.38
CA PRO G 10 -2.31 -45.89 -26.42
C PRO G 10 -0.95 -46.51 -26.14
N ARG G 11 -0.37 -47.11 -27.16
CA ARG G 11 0.90 -47.80 -27.01
C ARG G 11 2.01 -46.80 -26.71
N ASP G 12 3.10 -47.32 -26.13
CA ASP G 12 4.30 -46.56 -25.81
C ASP G 12 4.06 -45.46 -24.79
N LYS G 13 2.99 -45.56 -24.00
CA LYS G 13 2.68 -44.60 -22.96
C LYS G 13 2.54 -45.35 -21.64
N ARG G 14 2.99 -44.71 -20.56
CA ARG G 14 3.03 -45.37 -19.27
C ARG G 14 1.63 -45.75 -18.81
N LEU G 15 1.55 -46.88 -18.10
CA LEU G 15 0.26 -47.41 -17.69
C LEU G 15 -0.49 -46.46 -16.77
N GLU G 16 0.24 -45.75 -15.90
CA GLU G 16 -0.40 -44.88 -14.93
C GLU G 16 -1.19 -43.75 -15.57
N VAL G 17 -0.85 -43.36 -16.80
CA VAL G 17 -1.63 -42.36 -17.52
C VAL G 17 -2.51 -42.99 -18.60
N ALA G 18 -2.13 -44.14 -19.14
CA ALA G 18 -3.03 -44.86 -20.02
C ALA G 18 -4.33 -45.21 -19.30
N LEU G 19 -4.24 -45.50 -18.00
CA LEU G 19 -5.47 -45.72 -17.22
C LEU G 19 -6.31 -44.45 -17.15
N THR G 20 -5.67 -43.29 -16.91
CA THR G 20 -6.40 -42.04 -16.90
C THR G 20 -7.01 -41.72 -18.25
N TYR G 21 -6.49 -42.32 -19.32
CA TYR G 21 -7.12 -42.15 -20.63
C TYR G 21 -8.53 -42.71 -20.67
N ILE G 22 -8.91 -43.54 -19.71
CA ILE G 22 -10.26 -44.08 -19.64
C ILE G 22 -11.20 -43.04 -19.06
N TYR G 23 -12.41 -42.94 -19.62
CA TYR G 23 -13.43 -42.08 -19.06
C TYR G 23 -13.85 -42.61 -17.70
N GLY G 24 -14.00 -41.71 -16.73
CA GLY G 24 -14.30 -42.10 -15.38
C GLY G 24 -13.09 -42.42 -14.52
N ILE G 25 -11.89 -42.39 -15.09
CA ILE G 25 -10.66 -42.65 -14.37
C ILE G 25 -9.78 -41.41 -14.46
N GLY G 26 -9.34 -40.92 -13.30
CA GLY G 26 -8.39 -39.83 -13.24
C GLY G 26 -7.05 -40.28 -12.71
N ARG G 27 -6.26 -39.29 -12.29
CA ARG G 27 -4.92 -39.59 -11.80
C ARG G 27 -4.96 -40.44 -10.53
N THR G 28 -5.72 -39.99 -9.53
CA THR G 28 -5.76 -40.72 -8.27
C THR G 28 -6.52 -42.02 -8.41
N ARG G 29 -7.57 -42.04 -9.25
CA ARG G 29 -8.30 -43.28 -9.48
C ARG G 29 -7.40 -44.33 -10.13
N ALA G 30 -6.60 -43.90 -11.12
CA ALA G 30 -5.65 -44.82 -11.74
C ALA G 30 -4.60 -45.29 -10.76
N THR G 31 -4.10 -44.39 -9.91
CA THR G 31 -3.11 -44.78 -8.92
C THR G 31 -3.67 -45.81 -7.97
N GLU G 32 -4.89 -45.59 -7.49
CA GLU G 32 -5.51 -46.60 -6.62
C GLU G 32 -5.57 -47.90 -7.39
N THR G 33 -6.14 -47.86 -8.59
CA THR G 33 -6.32 -49.10 -9.35
C THR G 33 -5.02 -49.87 -9.43
N LEU G 34 -3.92 -49.18 -9.72
CA LEU G 34 -2.63 -49.85 -9.80
C LEU G 34 -2.23 -50.42 -8.44
N LYS G 35 -2.50 -49.69 -7.36
CA LYS G 35 -2.04 -50.23 -6.06
C LYS G 35 -2.91 -51.43 -5.69
N ALA G 36 -4.21 -51.39 -6.01
CA ALA G 36 -5.04 -52.54 -5.71
C ALA G 36 -4.62 -53.76 -6.52
N THR G 37 -4.44 -53.59 -7.84
CA THR G 37 -4.07 -54.70 -8.69
C THR G 37 -2.64 -55.15 -8.50
N GLY G 38 -1.82 -54.39 -7.76
CA GLY G 38 -0.44 -54.77 -7.57
C GLY G 38 0.37 -54.77 -8.84
N ILE G 39 0.04 -53.89 -9.77
CA ILE G 39 0.71 -53.80 -11.06
C ILE G 39 1.55 -52.53 -11.06
N SER G 40 2.78 -52.63 -11.56
CA SER G 40 3.61 -51.45 -11.70
C SER G 40 2.93 -50.44 -12.62
N GLY G 41 3.27 -49.18 -12.43
CA GLY G 41 2.65 -48.14 -13.23
C GLY G 41 3.63 -47.49 -14.18
N ASP G 42 4.90 -47.89 -14.10
CA ASP G 42 5.95 -47.24 -14.84
C ASP G 42 6.38 -48.08 -16.06
N LEU G 43 5.64 -49.13 -16.37
CA LEU G 43 5.93 -49.94 -17.55
C LEU G 43 4.96 -49.60 -18.66
N ARG G 44 5.45 -49.61 -19.90
CA ARG G 44 4.63 -49.27 -21.04
C ARG G 44 3.53 -50.31 -21.24
N VAL G 45 2.47 -49.90 -21.92
CA VAL G 45 1.30 -50.76 -22.06
C VAL G 45 1.58 -51.94 -22.98
N HIS G 46 2.48 -51.78 -23.95
CA HIS G 46 2.69 -52.88 -24.90
C HIS G 46 3.37 -54.07 -24.27
N GLU G 47 3.94 -53.94 -23.07
CA GLU G 47 4.33 -55.12 -22.29
C GLU G 47 3.30 -55.31 -21.16
N LEU G 48 2.19 -55.95 -21.52
CA LEU G 48 1.09 -56.19 -20.60
C LEU G 48 0.54 -57.58 -20.89
N THR G 49 0.77 -58.53 -20.00
CA THR G 49 0.21 -59.86 -20.18
C THR G 49 -1.30 -59.83 -19.98
N ASP G 50 -1.99 -60.71 -20.70
CA ASP G 50 -3.44 -60.71 -20.69
C ASP G 50 -4.01 -60.98 -19.31
N ASP G 51 -3.31 -61.78 -18.49
CA ASP G 51 -3.84 -62.09 -17.16
C ASP G 51 -3.90 -60.85 -16.28
N GLN G 52 -2.80 -60.07 -16.25
CA GLN G 52 -2.83 -58.84 -15.47
C GLN G 52 -3.73 -57.79 -16.10
N LEU G 53 -3.81 -57.78 -17.44
CA LEU G 53 -4.73 -56.87 -18.11
C LEU G 53 -6.18 -57.13 -17.67
N VAL G 54 -6.58 -58.40 -17.65
CA VAL G 54 -7.96 -58.72 -17.30
C VAL G 54 -8.17 -58.57 -15.80
N ALA G 55 -7.12 -58.76 -14.98
CA ALA G 55 -7.27 -58.48 -13.56
C ALA G 55 -7.54 -56.99 -13.33
N LEU G 56 -6.82 -56.14 -14.04
CA LEU G 56 -7.07 -54.70 -13.97
C LEU G 56 -8.48 -54.37 -14.46
N ARG G 57 -8.90 -55.01 -15.55
CA ARG G 57 -10.24 -54.78 -16.07
C ARG G 57 -11.29 -55.18 -15.04
N ASP G 58 -11.10 -56.33 -14.38
CA ASP G 58 -12.04 -56.79 -13.38
C ASP G 58 -12.12 -55.83 -12.21
N HIS G 59 -10.98 -55.35 -11.73
CA HIS G 59 -10.99 -54.41 -10.62
C HIS G 59 -11.73 -53.13 -11.01
N ILE G 60 -11.45 -52.60 -12.20
CA ILE G 60 -12.09 -51.37 -12.64
C ILE G 60 -13.60 -51.57 -12.75
N GLU G 61 -14.02 -52.67 -13.39
CA GLU G 61 -15.44 -52.93 -13.60
C GLU G 61 -16.15 -53.12 -12.26
N ALA G 62 -15.49 -53.77 -11.31
CA ALA G 62 -16.13 -54.04 -10.03
C ALA G 62 -16.27 -52.78 -9.18
N ASN G 63 -15.24 -51.94 -9.17
CA ASN G 63 -15.23 -50.81 -8.24
C ASN G 63 -15.78 -49.51 -8.81
N TYR G 64 -15.67 -49.30 -10.12
CA TYR G 64 -15.79 -47.98 -10.70
C TYR G 64 -16.86 -47.95 -11.78
N HIS G 65 -17.66 -46.88 -11.81
CA HIS G 65 -18.51 -46.59 -12.95
C HIS G 65 -17.65 -45.94 -14.03
N VAL G 66 -17.65 -46.53 -15.22
CA VAL G 66 -16.68 -46.17 -16.25
C VAL G 66 -17.37 -46.15 -17.61
N GLU G 67 -16.96 -45.20 -18.45
CA GLU G 67 -17.32 -45.17 -19.86
C GLU G 67 -18.81 -44.93 -20.06
N GLY G 68 -19.46 -45.86 -20.79
CA GLY G 68 -20.86 -45.67 -21.14
C GLY G 68 -21.75 -45.55 -19.92
N ASP G 69 -21.48 -46.35 -18.89
CA ASP G 69 -22.30 -46.31 -17.69
C ASP G 69 -22.29 -44.93 -17.06
N LEU G 70 -21.09 -44.39 -16.83
CA LEU G 70 -21.01 -43.08 -16.16
C LEU G 70 -21.52 -41.97 -17.07
N ARG G 71 -21.28 -42.08 -18.39
CA ARG G 71 -21.79 -41.08 -19.30
C ARG G 71 -23.32 -41.06 -19.29
N ARG G 72 -23.94 -42.23 -19.31
CA ARG G 72 -25.39 -42.29 -19.23
C ARG G 72 -25.90 -41.78 -17.90
N GLU G 73 -25.19 -42.08 -16.81
CA GLU G 73 -25.61 -41.56 -15.51
C GLU G 73 -25.55 -40.04 -15.46
N VAL G 74 -24.48 -39.45 -16.00
CA VAL G 74 -24.37 -38.00 -16.01
C VAL G 74 -25.46 -37.37 -16.88
N ALA G 75 -25.70 -37.95 -18.05
CA ALA G 75 -26.77 -37.43 -18.90
C ALA G 75 -28.12 -37.56 -18.21
N ALA G 76 -28.34 -38.66 -17.48
CA ALA G 76 -29.58 -38.84 -16.75
C ALA G 76 -29.73 -37.80 -15.65
N ASP G 77 -28.62 -37.46 -14.97
CA ASP G 77 -28.68 -36.44 -13.93
C ASP G 77 -29.05 -35.08 -14.52
N ILE G 78 -28.41 -34.71 -15.63
CA ILE G 78 -28.74 -33.44 -16.26
C ILE G 78 -30.18 -33.42 -16.73
N ARG G 79 -30.63 -34.52 -17.33
CA ARG G 79 -32.01 -34.60 -17.81
C ARG G 79 -32.99 -34.53 -16.64
N ARG G 80 -32.63 -35.13 -15.50
CA ARG G 80 -33.47 -35.05 -14.32
C ARG G 80 -33.58 -33.62 -13.82
N LYS G 81 -32.47 -32.88 -13.84
CA LYS G 81 -32.53 -31.47 -13.47
C LYS G 81 -33.44 -30.71 -14.43
N ILE G 82 -33.32 -30.98 -15.73
CA ILE G 82 -34.19 -30.33 -16.71
C ILE G 82 -35.66 -30.61 -16.39
N GLU G 83 -35.99 -31.88 -16.19
CA GLU G 83 -37.39 -32.27 -16.03
C GLU G 83 -37.96 -31.91 -14.67
N ILE G 84 -37.11 -31.68 -13.66
CA ILE G 84 -37.62 -31.21 -12.39
C ILE G 84 -37.78 -29.70 -12.39
N GLY G 85 -36.99 -29.00 -13.19
CA GLY G 85 -37.19 -27.57 -13.34
C GLY G 85 -36.55 -26.71 -12.29
N THR G 86 -35.45 -27.16 -11.68
CA THR G 86 -34.73 -26.34 -10.73
C THR G 86 -34.13 -25.13 -11.45
N TYR G 87 -33.52 -24.24 -10.67
CA TYR G 87 -32.77 -23.14 -11.27
C TYR G 87 -31.62 -23.67 -12.11
N GLN G 88 -30.90 -24.66 -11.60
CA GLN G 88 -29.83 -25.28 -12.37
C GLN G 88 -30.37 -25.93 -13.63
N GLY G 89 -31.54 -26.58 -13.54
CA GLY G 89 -32.14 -27.16 -14.73
C GLY G 89 -32.51 -26.12 -15.76
N ARG G 90 -33.05 -24.99 -15.31
CA ARG G 90 -33.40 -23.92 -16.24
C ARG G 90 -32.14 -23.37 -16.91
N ARG G 91 -31.07 -23.20 -16.16
CA ARG G 91 -29.81 -22.75 -16.75
C ARG G 91 -29.27 -23.79 -17.75
N HIS G 92 -29.41 -25.07 -17.42
CA HIS G 92 -28.99 -26.12 -18.34
C HIS G 92 -29.76 -26.04 -19.65
N ARG G 93 -31.08 -25.87 -19.57
CA ARG G 93 -31.87 -25.74 -20.78
C ARG G 93 -31.48 -24.50 -21.57
N SER G 94 -31.22 -23.40 -20.87
CA SER G 94 -30.77 -22.17 -21.53
C SER G 94 -29.36 -22.26 -22.06
N GLY G 95 -28.60 -23.28 -21.69
CA GLY G 95 -27.23 -23.39 -22.13
C GLY G 95 -26.36 -22.27 -21.58
N LEU G 96 -26.52 -22.01 -20.29
CA LEU G 96 -25.92 -20.88 -19.60
C LEU G 96 -25.39 -21.36 -18.27
N PRO G 97 -24.37 -20.72 -17.71
CA PRO G 97 -23.71 -21.27 -16.52
C PRO G 97 -24.68 -21.53 -15.38
N VAL G 98 -24.46 -22.65 -14.67
CA VAL G 98 -25.42 -23.15 -13.71
C VAL G 98 -24.95 -22.90 -12.29
N ARG G 99 -23.64 -22.83 -12.08
CA ARG G 99 -23.11 -22.72 -10.72
C ARG G 99 -22.88 -21.27 -10.31
N GLY G 100 -23.87 -20.41 -10.54
CA GLY G 100 -23.79 -19.04 -10.09
C GLY G 100 -22.66 -18.22 -10.68
N GLN G 101 -22.09 -18.64 -11.80
CA GLN G 101 -21.10 -17.80 -12.45
C GLN G 101 -21.74 -16.53 -12.97
N ARG G 102 -20.92 -15.49 -13.10
CA ARG G 102 -21.38 -14.25 -13.69
C ARG G 102 -21.62 -14.44 -15.19
N THR G 103 -22.63 -13.77 -15.71
CA THR G 103 -22.94 -13.85 -17.13
C THR G 103 -22.93 -12.51 -17.82
N ARG G 104 -22.56 -11.43 -17.12
CA ARG G 104 -22.58 -10.12 -17.74
C ARG G 104 -21.46 -9.95 -18.74
N THR G 105 -20.25 -10.41 -18.40
CA THR G 105 -19.08 -10.07 -19.20
C THR G 105 -18.65 -11.19 -20.13
N ASN G 106 -18.34 -12.39 -19.62
CA ASN G 106 -17.79 -13.43 -20.49
C ASN G 106 -18.65 -14.68 -20.57
N ALA G 107 -18.79 -15.46 -19.49
CA ALA G 107 -19.51 -16.73 -19.51
C ALA G 107 -19.27 -17.52 -20.79
N ARG G 108 -18.05 -17.46 -21.33
CA ARG G 108 -17.85 -17.79 -22.73
C ARG G 108 -17.89 -19.30 -22.99
N THR G 109 -17.33 -20.10 -22.08
CA THR G 109 -17.28 -21.53 -22.31
C THR G 109 -18.67 -22.16 -22.35
N ARG G 110 -19.69 -21.46 -21.85
CA ARG G 110 -21.07 -21.92 -21.99
C ARG G 110 -21.82 -21.18 -23.07
N LYS G 111 -21.54 -19.90 -23.28
CA LYS G 111 -22.25 -19.13 -24.29
C LYS G 111 -21.67 -19.32 -25.70
N GLY G 112 -20.61 -20.09 -25.85
CA GLY G 112 -20.02 -20.29 -27.15
C GLY G 112 -19.20 -19.10 -27.61
N LYS G 113 -18.97 -19.04 -28.91
CA LYS G 113 -18.23 -17.93 -29.49
C LYS G 113 -19.06 -16.65 -29.46
N ARG G 114 -18.37 -15.52 -29.47
CA ARG G 114 -19.03 -14.22 -29.41
C ARG G 114 -19.74 -13.95 -30.73
N LYS G 115 -21.07 -14.01 -30.69
CA LYS G 115 -21.90 -13.61 -31.83
C LYS G 115 -22.26 -12.13 -31.66
N ALA G 116 -21.32 -11.28 -32.05
CA ALA G 116 -21.46 -9.84 -31.87
C ALA G 116 -22.68 -9.33 -32.64
N VAL G 117 -23.41 -8.40 -32.02
CA VAL G 117 -24.63 -7.86 -32.58
C VAL G 117 -24.47 -6.37 -32.78
N ALA G 118 -25.15 -5.85 -33.80
CA ALA G 118 -25.18 -4.41 -34.03
C ALA G 118 -25.94 -3.72 -32.91
N LYS G 119 -25.46 -2.54 -32.52
CA LYS G 119 -26.09 -1.78 -31.45
C LYS G 119 -26.46 -0.38 -31.92
N LYS G 120 -26.89 0.47 -31.00
CA LYS G 120 -27.24 1.84 -31.35
C LYS G 120 -25.99 2.64 -31.70
N LYS G 121 -26.12 3.55 -32.66
CA LYS G 121 -25.01 4.33 -33.17
C LYS G 121 -25.07 5.74 -32.62
N ALA G 122 -23.95 6.24 -32.13
CA ALA G 122 -23.85 7.60 -31.63
C ALA G 122 -23.81 8.59 -32.79
N LYS G 123 -23.99 9.87 -32.45
CA LYS G 123 -23.98 10.92 -33.45
C LYS G 123 -22.59 11.53 -33.61
N ALA H 2 -25.00 9.56 7.56
CA ALA H 2 -25.98 8.51 7.31
C ALA H 2 -27.34 8.89 7.86
N LYS H 3 -28.36 8.10 7.53
CA LYS H 3 -29.69 8.34 8.06
C LYS H 3 -29.74 8.04 9.56
N THR H 4 -30.49 8.86 10.29
CA THR H 4 -30.58 8.71 11.74
C THR H 4 -31.19 7.37 12.12
N ALA H 5 -32.22 6.94 11.38
CA ALA H 5 -32.84 5.65 11.65
C ALA H 5 -31.84 4.53 11.46
N LEU H 6 -31.03 4.59 10.41
CA LEU H 6 -30.00 3.58 10.20
C LEU H 6 -28.99 3.59 11.33
N LYS H 7 -28.59 4.79 11.78
CA LYS H 7 -27.61 4.86 12.87
C LYS H 7 -28.16 4.22 14.14
N VAL H 8 -29.39 4.52 14.50
CA VAL H 8 -29.94 3.96 15.73
C VAL H 8 -30.17 2.46 15.57
N LYS H 9 -30.58 2.01 14.39
CA LYS H 9 -30.76 0.58 14.16
C LYS H 9 -29.46 -0.16 14.29
N ALA H 10 -28.37 0.41 13.76
CA ALA H 10 -27.05 -0.21 13.92
C ALA H 10 -26.64 -0.22 15.38
N ALA H 11 -26.94 0.85 16.12
CA ALA H 11 -26.57 0.90 17.52
C ALA H 11 -27.28 -0.18 18.33
N ARG H 12 -28.56 -0.43 18.02
CA ARG H 12 -29.35 -1.39 18.83
C ARG H 12 -28.94 -2.84 18.51
N LYS H 13 -29.18 -3.77 19.44
CA LYS H 13 -28.80 -5.20 19.24
C LYS H 13 -29.52 -5.71 18.00
N PRO H 14 -28.86 -6.48 17.12
CA PRO H 14 -29.47 -6.87 15.85
C PRO H 14 -30.17 -8.23 15.82
N LYS H 15 -31.11 -8.48 16.73
CA LYS H 15 -31.67 -9.81 16.80
C LYS H 15 -30.60 -10.88 16.61
N PHE H 16 -30.43 -11.35 15.39
CA PHE H 16 -29.39 -12.32 15.09
C PHE H 16 -28.02 -11.68 15.19
N GLY H 17 -27.04 -12.45 15.68
CA GLY H 17 -25.71 -11.89 15.88
C GLY H 17 -25.02 -11.52 14.59
N VAL H 18 -25.21 -12.32 13.53
CA VAL H 18 -24.52 -12.10 12.27
C VAL H 18 -24.96 -10.82 11.58
N ARG H 19 -26.07 -10.22 12.01
CA ARG H 19 -26.66 -9.09 11.31
C ARG H 19 -26.09 -7.75 11.79
N ALA H 20 -25.20 -7.75 12.77
CA ALA H 20 -24.59 -6.52 13.25
C ALA H 20 -23.56 -5.98 12.27
N TYR H 21 -23.33 -4.67 12.33
CA TYR H 21 -22.30 -4.03 11.55
C TYR H 21 -21.76 -2.83 12.33
N THR H 22 -20.83 -2.11 11.72
CA THR H 22 -19.95 -1.22 12.49
C THR H 22 -20.45 0.23 12.57
N ARG H 23 -20.56 0.91 11.42
CA ARG H 23 -20.92 2.33 11.35
C ARG H 23 -19.85 3.23 11.95
N CYS H 24 -19.56 4.35 11.30
CA CYS H 24 -18.62 5.32 11.83
C CYS H 24 -19.22 5.98 13.06
N GLN H 25 -18.60 5.76 14.22
CA GLN H 25 -19.14 6.20 15.49
C GLN H 25 -19.21 7.71 15.63
N ARG H 26 -18.47 8.46 14.82
CA ARG H 26 -18.56 9.91 14.75
C ARG H 26 -19.41 10.38 13.59
N CYS H 27 -19.49 9.57 12.54
CA CYS H 27 -19.92 10.01 11.23
C CYS H 27 -21.12 9.25 10.69
N GLY H 28 -21.34 8.02 11.15
CA GLY H 28 -22.40 7.19 10.65
C GLY H 28 -22.07 6.47 9.36
N ARG H 29 -20.89 6.69 8.81
CA ARG H 29 -20.54 6.07 7.53
C ARG H 29 -20.43 4.55 7.70
N PRO H 30 -21.04 3.76 6.82
CA PRO H 30 -20.96 2.30 6.96
C PRO H 30 -19.78 1.66 6.25
N HIS H 31 -19.07 2.37 5.39
CA HIS H 31 -17.96 1.81 4.64
C HIS H 31 -16.64 2.29 5.23
N SER H 32 -15.66 1.40 5.27
CA SER H 32 -14.30 1.72 5.68
C SER H 32 -14.26 2.23 7.12
N VAL H 33 -14.69 1.37 8.03
CA VAL H 33 -14.69 1.67 9.46
C VAL H 33 -13.64 0.78 10.12
N TYR H 34 -12.69 1.40 10.82
CA TYR H 34 -11.59 0.68 11.42
C TYR H 34 -11.96 0.20 12.81
N ARG H 35 -11.64 -1.07 13.10
CA ARG H 35 -11.98 -1.63 14.41
C ARG H 35 -11.12 -1.04 15.51
N LYS H 36 -9.88 -0.64 15.20
CA LYS H 36 -8.96 -0.19 16.24
C LYS H 36 -9.51 1.00 16.99
N PHE H 37 -10.13 1.94 16.27
CA PHE H 37 -10.54 3.21 16.85
C PHE H 37 -11.91 3.66 16.37
N GLY H 38 -12.75 2.75 15.89
CA GLY H 38 -14.01 3.19 15.33
C GLY H 38 -13.79 4.11 14.15
N LEU H 39 -14.59 5.17 14.09
CA LEU H 39 -14.48 6.18 13.04
C LEU H 39 -14.50 5.57 11.64
N CYS H 40 -14.04 6.31 10.66
CA CYS H 40 -14.10 5.87 9.27
C CYS H 40 -12.89 6.43 8.54
N ARG H 41 -12.93 6.35 7.22
CA ARG H 41 -11.84 6.86 6.40
C ARG H 41 -11.65 8.36 6.61
N ILE H 42 -12.69 9.14 6.30
CA ILE H 42 -12.62 10.60 6.39
C ILE H 42 -12.43 11.04 7.83
N CYS H 43 -13.17 10.42 8.76
CA CYS H 43 -13.07 10.81 10.16
C CYS H 43 -11.67 10.55 10.69
N LEU H 44 -11.10 9.39 10.36
CA LEU H 44 -9.72 9.11 10.74
C LEU H 44 -8.78 10.16 10.17
N ARG H 45 -8.89 10.45 8.88
CA ARG H 45 -7.94 11.39 8.28
C ARG H 45 -8.01 12.75 8.96
N GLU H 46 -9.22 13.29 9.11
CA GLU H 46 -9.36 14.63 9.65
C GLU H 46 -9.00 14.69 11.13
N MET H 47 -9.39 13.67 11.91
CA MET H 47 -9.07 13.69 13.33
C MET H 47 -7.58 13.46 13.57
N ALA H 48 -6.94 12.61 12.77
CA ALA H 48 -5.50 12.43 12.91
C ALA H 48 -4.76 13.72 12.55
N HIS H 49 -5.22 14.42 11.51
CA HIS H 49 -4.62 15.71 11.20
C HIS H 49 -4.79 16.69 12.33
N ALA H 50 -6.00 16.75 12.91
CA ALA H 50 -6.25 17.70 13.98
C ALA H 50 -5.61 17.28 15.30
N GLY H 51 -5.16 16.03 15.41
CA GLY H 51 -4.38 15.61 16.55
C GLY H 51 -5.15 15.09 17.75
N GLN H 52 -6.41 14.68 17.59
CA GLN H 52 -7.15 14.12 18.71
C GLN H 52 -6.93 12.62 18.88
N LEU H 53 -6.16 11.98 18.00
CA LEU H 53 -5.91 10.55 18.11
C LEU H 53 -4.49 10.34 18.61
N PRO H 54 -4.31 9.91 19.86
CA PRO H 54 -2.94 9.76 20.38
C PRO H 54 -2.19 8.68 19.62
N GLY H 55 -0.88 8.91 19.45
CA GLY H 55 -0.02 7.98 18.75
C GLY H 55 -0.13 8.00 17.25
N VAL H 56 -1.22 8.52 16.69
CA VAL H 56 -1.41 8.50 15.25
C VAL H 56 -0.73 9.72 14.63
N THR H 57 0.23 9.47 13.76
CA THR H 57 0.93 10.51 13.02
C THR H 57 1.12 10.04 11.58
N LYS H 58 1.44 10.97 10.69
CA LYS H 58 1.68 10.64 9.30
C LYS H 58 2.91 9.75 9.19
N SER H 59 2.85 8.77 8.28
CA SER H 59 3.93 7.83 8.06
C SER H 59 4.58 8.10 6.72
N SER H 60 5.91 8.20 6.72
CA SER H 60 6.66 8.48 5.50
C SER H 60 7.91 7.64 5.40
N TRP H 61 7.89 6.42 5.96
CA TRP H 61 9.05 5.55 5.94
C TRP H 61 9.55 5.28 4.52
N PRO I 2 -22.91 -26.81 0.53
CA PRO I 2 -24.23 -27.04 1.12
C PRO I 2 -24.18 -27.13 2.63
N ARG I 3 -25.35 -27.21 3.26
CA ARG I 3 -25.43 -27.27 4.71
C ARG I 3 -24.74 -28.52 5.24
N SER I 4 -24.12 -28.39 6.40
CA SER I 4 -23.45 -29.52 7.03
C SER I 4 -24.45 -30.62 7.33
N LEU I 5 -24.02 -31.87 7.13
CA LEU I 5 -24.92 -32.99 7.38
C LEU I 5 -25.27 -33.11 8.85
N LYS I 6 -24.29 -32.93 9.74
CA LYS I 6 -24.56 -33.13 11.15
C LYS I 6 -25.50 -32.07 11.72
N LYS I 7 -25.74 -30.99 10.98
CA LYS I 7 -26.71 -30.00 11.39
C LYS I 7 -28.11 -30.31 10.88
N GLY I 8 -28.26 -31.32 10.03
CA GLY I 8 -29.55 -31.71 9.52
C GLY I 8 -30.07 -30.72 8.49
N PRO I 9 -31.15 -31.08 7.81
CA PRO I 9 -31.76 -30.15 6.85
C PRO I 9 -32.38 -28.97 7.58
N PHE I 10 -32.44 -27.85 6.90
CA PHE I 10 -33.05 -26.64 7.47
C PHE I 10 -34.43 -26.46 6.88
N VAL I 11 -35.45 -26.67 7.70
CA VAL I 11 -36.82 -26.34 7.35
C VAL I 11 -37.24 -25.23 8.30
N ASP I 12 -37.90 -24.21 7.76
CA ASP I 12 -37.96 -22.92 8.45
C ASP I 12 -38.87 -22.92 9.68
N GLU I 13 -39.34 -24.08 10.13
CA GLU I 13 -39.92 -24.27 11.45
C GLU I 13 -41.32 -23.67 11.56
N HIS I 14 -41.75 -22.93 10.54
CA HIS I 14 -43.17 -22.64 10.38
C HIS I 14 -43.76 -23.29 9.15
N LEU I 15 -42.98 -23.39 8.07
CA LEU I 15 -43.36 -24.26 6.96
C LEU I 15 -43.56 -25.69 7.46
N ALA I 16 -42.69 -26.16 8.34
CA ALA I 16 -42.83 -27.50 8.90
C ALA I 16 -44.16 -27.66 9.63
N LYS I 17 -44.49 -26.69 10.47
CA LYS I 17 -45.72 -26.81 11.25
C LYS I 17 -46.94 -26.71 10.36
N LYS I 18 -46.90 -25.86 9.33
CA LYS I 18 -48.01 -25.78 8.41
C LYS I 18 -48.20 -27.08 7.62
N VAL I 19 -47.11 -27.67 7.14
CA VAL I 19 -47.25 -28.91 6.37
C VAL I 19 -47.69 -30.04 7.29
N THR I 20 -47.24 -30.05 8.55
CA THR I 20 -47.71 -31.06 9.48
C THR I 20 -49.19 -30.92 9.77
N ALA I 21 -49.66 -29.68 9.95
CA ALA I 21 -51.09 -29.45 10.14
C ALA I 21 -51.88 -29.89 8.91
N GLN I 22 -51.36 -29.60 7.72
CA GLN I 22 -52.01 -30.04 6.49
C GLN I 22 -52.08 -31.56 6.43
N ASN I 23 -51.00 -32.25 6.83
CA ASN I 23 -51.01 -33.70 6.87
C ASN I 23 -52.08 -34.20 7.84
N GLU I 24 -52.18 -33.58 9.01
CA GLU I 24 -53.14 -34.03 10.00
C GLU I 24 -54.57 -33.80 9.57
N ALA I 25 -54.85 -32.70 8.88
CA ALA I 25 -56.23 -32.31 8.56
C ALA I 25 -56.55 -32.45 7.08
N GLY I 26 -55.75 -33.21 6.32
CA GLY I 26 -56.03 -33.40 4.91
C GLY I 26 -55.04 -32.70 4.00
N THR I 27 -54.34 -33.46 3.16
CA THR I 27 -53.33 -32.93 2.26
C THR I 27 -53.99 -32.29 1.04
N HIS I 28 -54.78 -31.24 1.30
CA HIS I 28 -55.44 -30.51 0.23
C HIS I 28 -55.54 -29.04 0.64
N ASN I 29 -54.54 -28.26 0.25
CA ASN I 29 -54.50 -26.81 0.40
C ASN I 29 -53.19 -26.33 -0.19
N VAL I 30 -53.14 -25.05 -0.56
CA VAL I 30 -51.92 -24.41 -1.00
C VAL I 30 -51.33 -23.64 0.16
N ILE I 31 -50.07 -23.88 0.46
CA ILE I 31 -49.41 -23.29 1.62
C ILE I 31 -48.57 -22.12 1.15
N LYS I 32 -49.01 -20.91 1.48
CA LYS I 32 -48.32 -19.70 1.04
C LYS I 32 -47.17 -19.39 1.99
N THR I 33 -45.97 -19.21 1.43
CA THR I 33 -44.82 -18.94 2.27
C THR I 33 -43.79 -18.11 1.51
N TRP I 34 -42.99 -17.38 2.27
CA TRP I 34 -41.84 -16.66 1.75
C TRP I 34 -40.55 -17.41 1.99
N SER I 35 -40.64 -18.66 2.42
CA SER I 35 -39.47 -19.43 2.83
C SER I 35 -38.85 -20.14 1.62
N ARG I 36 -38.26 -19.33 0.74
CA ARG I 36 -37.34 -19.87 -0.25
C ARG I 36 -36.16 -20.56 0.44
N ARG I 37 -35.93 -20.21 1.69
CA ARG I 37 -34.80 -20.65 2.49
C ARG I 37 -34.89 -22.11 2.90
N SER I 38 -36.07 -22.72 2.82
CA SER I 38 -36.31 -24.01 3.46
C SER I 38 -35.95 -25.17 2.54
N MET I 39 -35.80 -26.33 3.16
CA MET I 39 -35.40 -27.56 2.49
C MET I 39 -36.63 -28.43 2.26
N VAL I 40 -36.81 -28.91 1.03
CA VAL I 40 -37.91 -29.82 0.76
C VAL I 40 -37.68 -31.13 1.51
N THR I 41 -38.73 -31.66 2.10
CA THR I 41 -38.67 -32.89 2.89
C THR I 41 -39.75 -33.84 2.43
N PRO I 42 -39.55 -35.16 2.64
CA PRO I 42 -40.58 -36.11 2.23
C PRO I 42 -41.92 -35.90 2.90
N ASP I 43 -41.93 -35.35 4.11
CA ASP I 43 -43.19 -35.17 4.83
C ASP I 43 -44.14 -34.21 4.13
N MET I 44 -43.63 -33.36 3.25
CA MET I 44 -44.47 -32.45 2.48
C MET I 44 -44.74 -32.92 1.06
N ILE I 45 -44.27 -34.12 0.70
CA ILE I 45 -44.44 -34.60 -0.67
C ILE I 45 -45.92 -34.67 -1.02
N GLY I 46 -46.25 -34.22 -2.22
CA GLY I 46 -47.62 -34.19 -2.66
C GLY I 46 -48.37 -32.93 -2.30
N HIS I 47 -47.72 -31.99 -1.62
CA HIS I 47 -48.34 -30.71 -1.30
C HIS I 47 -48.14 -29.73 -2.44
N THR I 48 -48.80 -28.58 -2.33
CA THR I 48 -48.57 -27.46 -3.22
C THR I 48 -48.24 -26.25 -2.36
N ILE I 49 -47.09 -25.63 -2.66
CA ILE I 49 -46.54 -24.56 -1.84
C ILE I 49 -46.35 -23.33 -2.72
N GLY I 50 -46.92 -22.22 -2.29
CA GLY I 50 -46.72 -20.96 -2.98
C GLY I 50 -45.47 -20.28 -2.45
N VAL I 51 -44.37 -20.46 -3.16
CA VAL I 51 -43.09 -19.89 -2.78
C VAL I 51 -43.02 -18.46 -3.30
N HIS I 52 -42.69 -17.53 -2.42
CA HIS I 52 -42.48 -16.15 -2.86
C HIS I 52 -41.27 -16.08 -3.77
N ASP I 53 -41.37 -15.28 -4.84
CA ASP I 53 -40.26 -15.07 -5.75
C ASP I 53 -39.85 -13.61 -5.81
N GLY I 54 -40.26 -12.82 -4.84
CA GLY I 54 -39.94 -11.40 -4.84
C GLY I 54 -41.17 -10.53 -5.00
N ARG I 55 -42.10 -10.96 -5.86
CA ARG I 55 -43.32 -10.19 -6.07
C ARG I 55 -44.58 -11.03 -6.11
N LYS I 56 -44.50 -12.36 -6.14
CA LYS I 56 -45.70 -13.18 -6.20
C LYS I 56 -45.38 -14.56 -5.66
N HIS I 57 -46.40 -15.20 -5.09
CA HIS I 57 -46.25 -16.53 -4.52
C HIS I 57 -46.54 -17.55 -5.61
N VAL I 58 -45.50 -17.94 -6.34
CA VAL I 58 -45.69 -18.89 -7.43
C VAL I 58 -45.89 -20.28 -6.85
N PRO I 59 -46.89 -21.03 -7.30
CA PRO I 59 -47.15 -22.35 -6.71
C PRO I 59 -46.30 -23.42 -7.36
N VAL I 60 -45.77 -24.30 -6.53
CA VAL I 60 -45.05 -25.49 -6.97
C VAL I 60 -45.70 -26.70 -6.33
N PHE I 61 -45.97 -27.72 -7.14
CA PHE I 61 -46.49 -28.99 -6.64
C PHE I 61 -45.30 -29.89 -6.37
N VAL I 62 -45.03 -30.14 -5.09
CA VAL I 62 -43.84 -30.89 -4.71
C VAL I 62 -44.04 -32.38 -4.99
N THR I 63 -43.13 -32.95 -5.77
CA THR I 63 -43.17 -34.36 -6.13
C THR I 63 -42.05 -35.11 -5.40
N GLU I 64 -41.87 -36.38 -5.77
CA GLU I 64 -40.90 -37.23 -5.08
C GLU I 64 -39.48 -36.72 -5.26
N SER I 65 -39.14 -36.24 -6.45
CA SER I 65 -37.77 -35.86 -6.75
C SER I 65 -37.38 -34.48 -6.24
N MET I 66 -38.35 -33.69 -5.76
CA MET I 66 -38.04 -32.35 -5.25
C MET I 66 -37.18 -32.39 -4.00
N VAL I 67 -37.19 -33.52 -3.28
CA VAL I 67 -36.81 -33.52 -1.86
C VAL I 67 -35.40 -32.98 -1.67
N GLY I 68 -34.49 -33.34 -2.55
CA GLY I 68 -33.13 -32.86 -2.38
C GLY I 68 -32.89 -31.45 -2.92
N HIS I 69 -33.84 -30.54 -2.72
CA HIS I 69 -33.68 -29.19 -3.22
C HIS I 69 -34.34 -28.20 -2.27
N LYS I 70 -33.97 -26.93 -2.44
CA LYS I 70 -34.54 -25.84 -1.66
C LYS I 70 -35.84 -25.36 -2.31
N LEU I 71 -36.72 -24.79 -1.49
CA LEU I 71 -37.99 -24.30 -2.02
C LEU I 71 -37.77 -23.20 -3.05
N GLY I 72 -36.75 -22.38 -2.86
CA GLY I 72 -36.52 -21.28 -3.76
C GLY I 72 -35.97 -21.65 -5.11
N GLU I 73 -35.52 -22.89 -5.28
CA GLU I 73 -35.01 -23.32 -6.57
C GLU I 73 -36.08 -23.38 -7.64
N PHE I 74 -37.34 -23.42 -7.24
CA PHE I 74 -38.45 -23.63 -8.17
C PHE I 74 -39.26 -22.36 -8.37
N ALA I 75 -38.78 -21.24 -7.87
CA ALA I 75 -39.45 -19.95 -7.96
C ALA I 75 -38.46 -18.94 -8.50
N PRO I 76 -38.25 -18.90 -9.82
CA PRO I 76 -37.27 -17.99 -10.39
C PRO I 76 -37.59 -16.55 -10.05
N THR I 77 -36.55 -15.79 -9.75
CA THR I 77 -36.70 -14.40 -9.31
C THR I 77 -36.51 -13.39 -10.44
N ARG I 78 -35.70 -13.70 -11.43
CA ARG I 78 -35.47 -12.81 -12.54
C ARG I 78 -36.18 -13.30 -13.79
N THR I 79 -36.69 -12.35 -14.57
CA THR I 79 -37.31 -12.64 -15.86
C THR I 79 -36.45 -12.03 -16.95
N PHE I 80 -36.15 -12.80 -17.98
CA PHE I 80 -35.30 -12.33 -19.06
C PHE I 80 -36.03 -12.29 -20.41
N LYS I 81 -36.53 -13.44 -20.86
CA LYS I 81 -37.34 -13.57 -22.06
C LYS I 81 -36.53 -13.33 -23.33
N GLY I 82 -35.33 -12.82 -23.19
CA GLY I 82 -34.47 -12.56 -24.33
C GLY I 82 -34.11 -11.10 -24.41
N HIS I 83 -32.98 -10.81 -25.03
CA HIS I 83 -32.78 -9.47 -25.54
C HIS I 83 -33.64 -9.27 -26.78
N VAL I 84 -33.70 -8.02 -27.24
CA VAL I 84 -34.60 -7.55 -28.30
C VAL I 84 -35.94 -8.27 -28.21
N LYS I 85 -36.47 -8.74 -29.33
CA LYS I 85 -37.72 -9.47 -29.34
C LYS I 85 -37.68 -10.62 -30.34
#